data_6CAN
#
_entry.id   6CAN
#
_cell.length_a   56.292
_cell.length_b   178.764
_cell.length_c   59.293
_cell.angle_alpha   90.00
_cell.angle_beta   104.35
_cell.angle_gamma   90.00
#
_symmetry.space_group_name_H-M   'P 1 21 1'
#
loop_
_entity.id
_entity.type
_entity.pdbx_description
1 polymer 'Prolyl endopeptidase'
2 non-polymer 'CHLORIDE ION'
3 water water
#
_entity_poly.entity_id   1
_entity_poly.type   'polypeptide(L)'
_entity_poly.pdbx_seq_one_letter_code
;MEDPYIWMENLEDERVLKIIEEENKRFREFIGELSDKLFPEVWEQFSQPTIGMARITKKGIIASYSEKDRVVIKWFNGDV
IVDSKELEREVGDEVLLQGFTTDEEGEKLAYSFSIGGADEGITRIIDLKTGEVIEEIKPSIWNITFLKDGYYFTRFYRKE
KTPDGVNPPAARMFWKDREGERMVFGEGLTSGYFMSIRKSSDGKFAIVTLTYGWNQGEVYIGPIDNPQEWKKVYSASVPV
EAIDVVNGKLYILTKEGKGLGKIIAIKNGKIDEVIPEGEFPLEWAVIVRDKILAGRLVHASYKLEVYTLNGEKIKEITFD
VPGSLYPLDKDEERVLLRYTSFTIPYRLYEFKDDLRLIEERKVEGEFRVEEDFATSKDGTKVHYFIVKGERDEKRAWVFG
YGGFNIALTPMFFPQVIPFLKRGGTFIMANLRGGSEYGEEWHRAGMRENKQNVFDDFIAVLEKLKKEGYKVAAWGRCNGG
LLVSATLTQRPDVMDSALIGYPVIDMLRFHKLYIGSVWIPEYGNPEDPKDREFLLKYSPYHNVDPKKKYPPTLIYTGLHD
DRVHPAHALKFFMKLKEIGAPVYLRVETKSGHMGASPETRARELTDLLAFVLKTLS
;
_entity_poly.pdbx_strand_id   A,B
#
loop_
_chem_comp.id
_chem_comp.type
_chem_comp.name
_chem_comp.formula
CL non-polymer 'CHLORIDE ION' 'Cl -1'
#
# COMPACT_ATOMS: atom_id res chain seq x y z
N MET A 1 -3.85 10.94 23.94
CA MET A 1 -4.37 11.22 25.27
C MET A 1 -4.38 12.73 25.51
N GLU A 2 -3.27 13.40 25.30
CA GLU A 2 -3.23 14.79 25.65
C GLU A 2 -2.57 15.63 24.58
N ASP A 3 -3.20 16.73 24.21
CA ASP A 3 -2.67 17.61 23.19
C ASP A 3 -2.35 18.87 23.90
N PRO A 4 -1.11 19.28 23.84
CA PRO A 4 -0.67 20.48 24.57
C PRO A 4 -1.29 21.77 24.05
N TYR A 5 -1.69 21.80 22.78
CA TYR A 5 -2.22 23.02 22.19
C TYR A 5 -3.68 22.88 21.83
N ILE A 6 -4.39 22.09 22.63
CA ILE A 6 -5.82 21.89 22.41
C ILE A 6 -6.61 23.18 22.68
N TRP A 7 -5.99 24.12 23.41
CA TRP A 7 -6.65 25.38 23.73
C TRP A 7 -6.73 26.28 22.51
N MET A 8 -5.91 26.01 21.50
CA MET A 8 -5.91 26.82 20.30
C MET A 8 -7.18 26.58 19.47
N GLU A 9 -7.93 25.53 19.81
CA GLU A 9 -9.16 25.19 19.11
C GLU A 9 -10.31 26.13 19.46
N ASN A 10 -10.16 26.86 20.56
CA ASN A 10 -11.08 27.94 20.89
C ASN A 10 -10.51 29.23 20.32
N LEU A 11 -11.02 29.63 19.15
CA LEU A 11 -10.44 30.75 18.41
C LEU A 11 -10.61 32.09 19.14
N GLU A 12 -11.42 32.09 20.19
CA GLU A 12 -11.67 33.31 20.97
C GLU A 12 -10.74 33.45 22.16
N ASP A 13 -9.86 32.47 22.35
CA ASP A 13 -8.84 32.54 23.39
C ASP A 13 -7.91 33.70 23.09
N GLU A 14 -7.61 34.51 24.09
CA GLU A 14 -6.82 35.72 23.86
C GLU A 14 -5.38 35.39 23.54
N ARG A 15 -4.93 34.20 23.94
CA ARG A 15 -3.63 33.70 23.54
C ARG A 15 -3.59 33.51 22.03
N VAL A 16 -4.70 33.02 21.48
CA VAL A 16 -4.82 32.79 20.04
C VAL A 16 -4.92 34.09 19.25
N LEU A 17 -5.74 35.01 19.75
CA LEU A 17 -5.88 36.33 19.15
C LEU A 17 -4.54 37.06 19.15
N LYS A 18 -3.81 36.94 20.23
CA LYS A 18 -2.51 37.59 20.33
C LYS A 18 -1.53 37.00 19.31
N ILE A 19 -1.62 35.70 19.08
CA ILE A 19 -0.76 35.05 18.11
C ILE A 19 -1.06 35.57 16.70
N ILE A 20 -2.35 35.66 16.37
CA ILE A 20 -2.76 36.19 15.09
C ILE A 20 -2.21 37.60 14.86
N GLU A 21 -2.42 38.48 15.83
CA GLU A 21 -2.00 39.88 15.73
C GLU A 21 -0.51 40.04 15.49
N GLU A 22 0.30 39.37 16.30
CA GLU A 22 1.76 39.42 16.18
C GLU A 22 2.23 38.88 14.84
N GLU A 23 1.71 37.71 14.47
CA GLU A 23 2.17 37.02 13.26
C GLU A 23 1.78 37.74 11.97
N ASN A 24 0.54 38.24 11.89
CA ASN A 24 0.14 39.08 10.76
C ASN A 24 1.09 40.25 10.62
N LYS A 25 1.36 40.92 11.73
CA LYS A 25 2.35 41.98 11.80
C LYS A 25 3.69 41.51 11.24
N ARG A 26 4.19 40.37 11.73
CA ARG A 26 5.45 39.81 11.23
C ARG A 26 5.44 39.66 9.72
N PHE A 27 4.42 38.96 9.23
CA PHE A 27 4.29 38.62 7.82
C PHE A 27 4.15 39.87 6.95
N ARG A 28 3.41 40.86 7.45
CA ARG A 28 3.23 42.11 6.70
C ARG A 28 4.56 42.85 6.56
N GLU A 29 5.38 42.82 7.61
CA GLU A 29 6.68 43.46 7.58
C GLU A 29 7.59 42.76 6.57
N PHE A 30 7.40 41.44 6.45
CA PHE A 30 8.26 40.64 5.59
C PHE A 30 7.98 40.87 4.09
N ILE A 31 6.71 40.92 3.70
CA ILE A 31 6.39 41.02 2.27
C ILE A 31 5.51 42.21 1.85
N GLY A 32 5.14 43.06 2.79
CA GLY A 32 4.19 44.13 2.53
C GLY A 32 4.57 45.06 1.40
N GLU A 33 5.78 45.60 1.49
CA GLU A 33 6.26 46.53 0.48
C GLU A 33 6.29 45.86 -0.89
N LEU A 34 6.68 44.59 -0.93
CA LEU A 34 6.73 43.86 -2.19
C LEU A 34 5.31 43.55 -2.66
N SER A 35 4.45 43.15 -1.72
CA SER A 35 3.06 42.83 -2.02
C SER A 35 2.33 44.03 -2.63
N ASP A 36 2.57 45.23 -2.10
CA ASP A 36 1.91 46.42 -2.61
C ASP A 36 2.34 46.72 -4.05
N LYS A 37 3.61 46.46 -4.34
CA LYS A 37 4.16 46.64 -5.68
C LYS A 37 3.53 45.71 -6.69
N LEU A 38 3.30 44.47 -6.28
CA LEU A 38 2.82 43.43 -7.19
C LEU A 38 1.30 43.47 -7.39
N PHE A 39 0.60 44.04 -6.42
CA PHE A 39 -0.86 43.97 -6.41
C PHE A 39 -1.55 44.47 -7.69
N PRO A 40 -1.11 45.63 -8.26
CA PRO A 40 -1.78 46.05 -9.50
C PRO A 40 -1.64 45.04 -10.63
N GLU A 41 -0.54 44.30 -10.67
CA GLU A 41 -0.35 43.29 -11.70
C GLU A 41 -1.26 42.08 -11.50
N VAL A 42 -1.39 41.66 -10.24
CA VAL A 42 -2.22 40.53 -9.91
C VAL A 42 -3.69 40.89 -10.13
N TRP A 43 -4.07 42.09 -9.67
CA TRP A 43 -5.44 42.55 -9.84
C TRP A 43 -5.80 42.67 -11.33
N GLU A 44 -4.91 43.24 -12.11
CA GLU A 44 -5.08 43.32 -13.56
C GLU A 44 -5.43 41.95 -14.16
N GLN A 45 -4.84 40.90 -13.60
CA GLN A 45 -5.15 39.54 -14.04
C GLN A 45 -6.39 38.99 -13.37
N PHE A 46 -6.53 39.26 -12.07
CA PHE A 46 -7.65 38.75 -11.29
C PHE A 46 -8.97 39.36 -11.75
N SER A 47 -8.96 40.65 -12.07
CA SER A 47 -10.17 41.39 -12.37
C SER A 47 -10.71 41.13 -13.78
N GLN A 48 -9.95 40.36 -14.56
CA GLN A 48 -10.34 39.93 -15.90
C GLN A 48 -11.78 39.41 -15.98
N PRO A 49 -12.54 39.87 -16.99
CA PRO A 49 -13.84 39.27 -17.28
C PRO A 49 -13.71 37.75 -17.45
N THR A 50 -14.52 37.02 -16.69
CA THR A 50 -14.43 35.57 -16.66
C THR A 50 -15.84 34.99 -16.66
N ILE A 51 -16.12 34.06 -17.58
CA ILE A 51 -17.47 33.51 -17.66
C ILE A 51 -17.69 32.56 -16.48
N GLY A 52 -18.95 32.35 -16.11
CA GLY A 52 -19.29 31.43 -15.05
C GLY A 52 -20.26 30.38 -15.57
N MET A 53 -21.55 30.67 -15.48
CA MET A 53 -22.56 29.75 -15.98
C MET A 53 -23.09 30.22 -17.33
N ALA A 54 -23.54 29.27 -18.15
CA ALA A 54 -24.18 29.59 -19.40
C ALA A 54 -25.41 28.71 -19.55
N ARG A 55 -26.43 29.23 -20.24
CA ARG A 55 -27.67 28.51 -20.47
C ARG A 55 -28.11 28.69 -21.92
N ILE A 56 -28.72 27.65 -22.50
CA ILE A 56 -29.31 27.77 -23.82
C ILE A 56 -30.80 28.11 -23.70
N THR A 57 -31.22 29.18 -24.38
CA THR A 57 -32.65 29.51 -24.50
C THR A 57 -33.01 29.72 -25.97
N LYS A 58 -34.30 29.63 -26.29
CA LYS A 58 -34.73 29.81 -27.68
C LYS A 58 -34.49 31.25 -28.15
N LYS A 59 -34.42 32.18 -27.21
CA LYS A 59 -34.12 33.58 -27.53
C LYS A 59 -32.62 33.87 -27.57
N GLY A 60 -31.81 32.84 -27.32
CA GLY A 60 -30.36 32.99 -27.33
C GLY A 60 -29.67 32.50 -26.07
N ILE A 61 -28.34 32.59 -26.05
CA ILE A 61 -27.55 32.16 -24.90
C ILE A 61 -27.62 33.20 -23.78
N ILE A 62 -27.79 32.74 -22.54
CA ILE A 62 -27.65 33.62 -21.38
C ILE A 62 -26.50 33.13 -20.50
N ALA A 63 -25.57 34.02 -20.18
CA ALA A 63 -24.39 33.63 -19.43
C ALA A 63 -24.05 34.65 -18.34
N SER A 64 -23.37 34.20 -17.30
CA SER A 64 -22.91 35.10 -16.25
C SER A 64 -21.41 35.29 -16.33
N TYR A 65 -20.94 36.45 -15.89
CA TYR A 65 -19.53 36.79 -15.91
C TYR A 65 -19.11 37.45 -14.61
N SER A 66 -17.85 37.34 -14.28
CA SER A 66 -17.30 38.04 -13.14
C SER A 66 -16.34 39.04 -13.72
N GLU A 67 -16.36 40.25 -13.21
CA GLU A 67 -15.41 41.24 -13.62
C GLU A 67 -15.19 42.11 -12.44
N LYS A 68 -13.96 42.50 -12.12
CA LYS A 68 -13.75 43.44 -11.03
C LYS A 68 -14.58 43.02 -9.83
N ASP A 69 -15.28 43.99 -9.25
CA ASP A 69 -16.07 43.67 -8.07
C ASP A 69 -17.51 43.28 -8.41
N ARG A 70 -17.71 43.02 -9.70
CA ARG A 70 -19.04 42.86 -10.27
C ARG A 70 -19.30 41.47 -10.82
N VAL A 71 -20.56 41.05 -10.70
CA VAL A 71 -21.05 39.86 -11.35
C VAL A 71 -22.31 40.20 -12.14
N VAL A 72 -22.30 39.92 -13.43
CA VAL A 72 -23.46 40.21 -14.25
C VAL A 72 -24.02 38.94 -14.91
N ILE A 73 -25.35 38.88 -15.03
CA ILE A 73 -25.99 37.84 -15.80
C ILE A 73 -26.60 38.51 -17.00
N LYS A 74 -26.20 38.08 -18.19
CA LYS A 74 -26.51 38.84 -19.40
C LYS A 74 -26.84 38.00 -20.62
N TRP A 75 -27.57 38.60 -21.55
CA TRP A 75 -27.75 38.05 -22.87
C TRP A 75 -26.39 37.98 -23.55
N PHE A 76 -26.06 36.80 -24.09
CA PHE A 76 -24.75 36.58 -24.69
C PHE A 76 -24.32 37.67 -25.65
N ASN A 77 -25.22 38.03 -26.56
CA ASN A 77 -24.92 39.11 -27.49
C ASN A 77 -25.51 40.44 -27.06
N GLY A 78 -26.26 40.43 -25.96
CA GLY A 78 -27.11 41.57 -25.63
C GLY A 78 -27.03 42.17 -24.24
N ASP A 79 -28.17 42.65 -23.77
CA ASP A 79 -28.27 43.39 -22.52
C ASP A 79 -27.87 42.62 -21.28
N VAL A 80 -27.47 43.37 -20.25
CA VAL A 80 -27.34 42.83 -18.91
C VAL A 80 -28.73 42.59 -18.32
N ILE A 81 -28.94 41.39 -17.78
CA ILE A 81 -30.21 41.02 -17.18
C ILE A 81 -30.16 41.25 -15.67
N VAL A 82 -29.12 40.74 -15.04
CA VAL A 82 -28.89 40.97 -13.62
C VAL A 82 -27.47 41.48 -13.42
N ASP A 83 -27.33 42.49 -12.57
CA ASP A 83 -26.05 43.07 -12.19
C ASP A 83 -25.88 42.77 -10.71
N SER A 84 -24.67 42.87 -10.17
CA SER A 84 -24.51 42.68 -8.74
C SER A 84 -24.52 44.05 -8.05
N LYS A 85 -24.13 45.06 -8.81
CA LYS A 85 -24.07 46.43 -8.37
C LYS A 85 -25.46 47.06 -8.22
N GLU A 86 -26.36 46.82 -9.18
CA GLU A 86 -27.72 47.32 -9.11
C GLU A 86 -28.45 46.75 -7.88
N LEU A 87 -28.20 45.50 -7.57
CA LEU A 87 -28.74 44.83 -6.43
C LEU A 87 -28.20 45.39 -5.14
N GLU A 88 -26.93 45.71 -5.09
CA GLU A 88 -26.31 46.24 -3.88
C GLU A 88 -26.77 47.67 -3.62
N ARG A 89 -27.54 48.23 -4.54
CA ARG A 89 -28.19 49.51 -4.33
C ARG A 89 -29.67 49.25 -4.08
N GLU A 90 -30.06 47.98 -4.14
CA GLU A 90 -31.43 47.62 -3.78
C GLU A 90 -31.47 47.29 -2.29
N VAL A 91 -30.31 46.97 -1.73
CA VAL A 91 -30.22 46.65 -0.30
C VAL A 91 -29.25 47.55 0.43
N GLY A 92 -28.39 48.23 -0.31
CA GLY A 92 -27.37 49.08 0.29
C GLY A 92 -26.26 48.26 0.91
N ASP A 93 -26.37 46.94 0.80
CA ASP A 93 -25.40 46.04 1.38
C ASP A 93 -24.72 45.20 0.29
N GLU A 94 -23.55 44.66 0.62
CA GLU A 94 -22.76 43.89 -0.34
C GLU A 94 -23.46 42.57 -0.69
N VAL A 95 -23.46 42.20 -1.97
CA VAL A 95 -24.18 41.01 -2.43
C VAL A 95 -23.33 40.08 -3.30
N LEU A 96 -23.45 38.78 -3.04
CA LEU A 96 -22.83 37.75 -3.86
C LEU A 96 -23.88 37.01 -4.68
N LEU A 97 -23.66 36.89 -5.98
CA LEU A 97 -24.50 36.05 -6.83
C LEU A 97 -23.94 34.64 -6.90
N GLN A 98 -24.82 33.65 -6.86
CA GLN A 98 -24.38 32.25 -6.74
C GLN A 98 -24.55 31.45 -8.03
N GLY A 99 -25.69 31.62 -8.70
CA GLY A 99 -25.96 30.89 -9.92
C GLY A 99 -27.37 31.10 -10.44
N PHE A 100 -27.62 30.65 -11.66
CA PHE A 100 -28.92 30.85 -12.28
C PHE A 100 -29.33 29.72 -13.20
N THR A 101 -30.59 29.72 -13.59
CA THR A 101 -31.09 28.83 -14.62
C THR A 101 -32.24 29.51 -15.34
N THR A 102 -32.69 28.93 -16.44
CA THR A 102 -33.80 29.50 -17.21
C THR A 102 -34.71 28.37 -17.68
N ASP A 103 -35.89 28.72 -18.16
CA ASP A 103 -36.71 27.74 -18.86
C ASP A 103 -36.16 27.60 -20.27
N GLU A 104 -36.59 26.57 -21.00
CA GLU A 104 -36.07 26.33 -22.33
C GLU A 104 -36.48 27.41 -23.34
N GLU A 105 -37.58 28.11 -23.07
CA GLU A 105 -38.06 29.14 -23.99
C GLU A 105 -37.33 30.46 -23.77
N GLY A 106 -36.77 30.63 -22.58
CA GLY A 106 -36.08 31.87 -22.27
C GLY A 106 -37.04 33.00 -21.99
N GLU A 107 -38.11 32.70 -21.27
CA GLU A 107 -39.06 33.71 -20.82
C GLU A 107 -38.96 33.93 -19.33
N LYS A 108 -38.45 32.90 -18.64
CA LYS A 108 -38.27 32.94 -17.19
C LYS A 108 -36.81 32.73 -16.82
N LEU A 109 -36.34 33.46 -15.81
CA LEU A 109 -35.00 33.31 -15.28
C LEU A 109 -35.02 33.33 -13.76
N ALA A 110 -34.34 32.35 -13.15
CA ALA A 110 -34.23 32.29 -11.70
C ALA A 110 -32.77 32.38 -11.28
N TYR A 111 -32.47 33.23 -10.30
CA TYR A 111 -31.11 33.31 -9.79
C TYR A 111 -31.11 33.41 -8.28
N SER A 112 -29.92 33.25 -7.70
CA SER A 112 -29.78 33.22 -6.25
C SER A 112 -28.64 34.12 -5.80
N PHE A 113 -28.83 34.75 -4.64
CA PHE A 113 -27.83 35.66 -4.13
C PHE A 113 -27.95 35.78 -2.61
N SER A 114 -26.81 35.93 -1.95
CA SER A 114 -26.79 36.14 -0.50
C SER A 114 -26.43 37.59 -0.19
N ILE A 115 -27.35 38.30 0.47
CA ILE A 115 -27.12 39.68 0.89
C ILE A 115 -26.22 39.76 2.10
N GLY A 116 -25.05 40.37 1.93
CA GLY A 116 -24.01 40.32 2.94
C GLY A 116 -23.47 38.90 2.95
N GLY A 117 -22.77 38.54 4.01
CA GLY A 117 -22.31 37.18 4.19
C GLY A 117 -23.36 36.36 4.92
N ALA A 118 -24.56 36.92 5.02
CA ALA A 118 -25.69 36.25 5.67
C ALA A 118 -25.91 34.87 5.08
N ASP A 119 -26.13 33.94 6.00
CA ASP A 119 -26.26 32.54 5.73
C ASP A 119 -27.34 32.28 4.76
N GLU A 120 -28.48 32.93 4.95
CA GLU A 120 -29.56 32.68 4.04
C GLU A 120 -29.39 33.43 2.75
N GLY A 121 -29.76 32.73 1.71
CA GLY A 121 -29.69 33.21 0.39
C GLY A 121 -31.12 33.48 0.09
N ILE A 122 -31.28 34.06 -1.06
CA ILE A 122 -32.51 34.45 -1.72
C ILE A 122 -32.57 34.05 -3.17
N THR A 123 -33.75 33.61 -3.59
CA THR A 123 -33.99 33.22 -4.98
C THR A 123 -35.07 34.10 -5.60
N ARG A 124 -34.75 34.68 -6.75
CA ARG A 124 -35.69 35.52 -7.49
C ARG A 124 -35.99 34.93 -8.86
N ILE A 125 -37.26 34.65 -9.12
CA ILE A 125 -37.69 34.21 -10.43
C ILE A 125 -38.27 35.37 -11.20
N ILE A 126 -37.55 35.84 -12.22
CA ILE A 126 -37.95 37.02 -12.94
C ILE A 126 -38.43 36.70 -14.35
N ASP A 127 -39.35 37.51 -14.85
CA ASP A 127 -39.81 37.40 -16.23
C ASP A 127 -38.77 38.06 -17.12
N LEU A 128 -38.31 37.33 -18.13
CA LEU A 128 -37.17 37.78 -18.93
C LEU A 128 -37.50 38.91 -19.91
N LYS A 129 -38.73 39.39 -19.90
CA LYS A 129 -39.13 40.43 -20.84
C LYS A 129 -39.34 41.78 -20.23
N THR A 130 -39.80 41.80 -19.00
CA THR A 130 -40.06 43.06 -18.33
C THR A 130 -38.98 43.31 -17.31
N GLY A 131 -38.33 42.25 -16.89
CA GLY A 131 -37.37 42.32 -15.83
C GLY A 131 -38.12 42.16 -14.52
N GLU A 132 -39.42 41.90 -14.57
CA GLU A 132 -40.25 41.72 -13.40
C GLU A 132 -39.83 40.55 -12.54
N VAL A 133 -39.99 40.70 -11.23
CA VAL A 133 -39.67 39.64 -10.29
C VAL A 133 -41.01 39.03 -9.98
N ILE A 134 -41.39 38.00 -10.71
CA ILE A 134 -42.72 37.40 -10.51
C ILE A 134 -42.78 36.52 -9.26
N GLU A 135 -41.62 36.30 -8.64
CA GLU A 135 -41.56 35.59 -7.36
C GLU A 135 -40.22 35.81 -6.66
N GLU A 136 -40.26 35.95 -5.34
CA GLU A 136 -39.05 35.94 -4.56
C GLU A 136 -39.16 34.89 -3.46
N ILE A 137 -38.22 33.97 -3.44
CA ILE A 137 -38.24 32.88 -2.48
C ILE A 137 -37.08 32.97 -1.51
N LYS A 138 -37.40 32.96 -0.21
CA LYS A 138 -36.39 32.97 0.84
C LYS A 138 -36.72 31.93 1.90
N PRO A 139 -35.77 31.06 2.25
CA PRO A 139 -34.38 30.98 1.77
C PRO A 139 -34.24 30.53 0.32
N SER A 140 -32.99 30.46 -0.16
CA SER A 140 -32.75 30.16 -1.57
C SER A 140 -33.03 28.70 -1.87
N ILE A 141 -33.64 28.48 -3.03
CA ILE A 141 -33.88 27.13 -3.51
C ILE A 141 -32.96 26.82 -4.68
N TRP A 142 -32.79 25.52 -4.91
CA TRP A 142 -31.89 25.03 -5.95
C TRP A 142 -32.59 24.10 -6.93
N ASN A 143 -31.85 23.69 -7.95
CA ASN A 143 -32.36 22.73 -8.89
C ASN A 143 -33.64 23.19 -9.60
N ILE A 144 -33.86 24.51 -9.68
CA ILE A 144 -35.09 25.01 -10.29
C ILE A 144 -35.21 24.53 -11.75
N THR A 145 -36.14 23.60 -11.95
CA THR A 145 -36.36 22.95 -13.22
C THR A 145 -37.76 23.27 -13.71
N PHE A 146 -37.86 24.14 -14.68
CA PHE A 146 -39.16 24.56 -15.15
C PHE A 146 -39.95 23.53 -15.95
N LEU A 147 -41.20 23.45 -15.62
CA LEU A 147 -42.09 22.61 -16.33
C LEU A 147 -43.37 23.36 -16.39
N LYS A 148 -43.85 23.71 -17.57
CA LYS A 148 -45.17 24.35 -17.74
C LYS A 148 -45.31 25.55 -16.86
N ASP A 149 -46.39 25.61 -16.09
CA ASP A 149 -46.57 26.70 -15.13
C ASP A 149 -45.66 26.73 -13.90
N GLY A 150 -45.37 25.59 -13.27
CA GLY A 150 -44.52 25.67 -12.10
C GLY A 150 -43.08 25.26 -12.33
N TYR A 151 -42.54 24.51 -11.37
CA TYR A 151 -41.18 24.05 -11.42
C TYR A 151 -40.81 23.21 -10.23
N TYR A 152 -39.95 22.26 -10.46
CA TYR A 152 -39.40 21.47 -9.38
C TYR A 152 -38.23 22.23 -8.78
N PHE A 153 -37.91 21.96 -7.53
CA PHE A 153 -36.74 22.53 -6.90
C PHE A 153 -36.34 21.68 -5.72
N THR A 154 -35.07 21.76 -5.33
CA THR A 154 -34.62 21.04 -4.16
C THR A 154 -34.25 22.02 -3.06
N ARG A 155 -34.63 21.70 -1.83
CA ARG A 155 -34.23 22.48 -0.68
C ARG A 155 -33.21 21.67 0.10
N PHE A 156 -32.18 22.34 0.59
CA PHE A 156 -31.20 21.67 1.44
C PHE A 156 -31.47 22.04 2.89
N TYR A 157 -31.51 21.04 3.75
CA TYR A 157 -31.78 21.28 5.17
C TYR A 157 -30.50 21.16 5.97
N ARG A 158 -30.01 22.31 6.41
CA ARG A 158 -28.74 22.43 7.12
C ARG A 158 -28.96 22.44 8.64
N LYS A 159 -29.84 23.34 9.08
CA LYS A 159 -30.07 23.57 10.49
C LYS A 159 -31.23 22.74 11.03
N GLU A 160 -32.18 22.42 10.16
CA GLU A 160 -33.49 22.01 10.60
C GLU A 160 -33.94 20.66 10.01
N LYS A 161 -34.83 19.98 10.74
CA LYS A 161 -35.42 18.75 10.25
C LYS A 161 -36.25 18.99 8.99
N THR A 162 -36.12 18.06 8.03
CA THR A 162 -36.96 18.04 6.84
C THR A 162 -38.42 17.97 7.26
N PRO A 163 -39.34 18.37 6.36
CA PRO A 163 -40.77 18.35 6.71
C PRO A 163 -41.26 16.97 7.15
N ASP A 164 -40.73 15.91 6.54
CA ASP A 164 -41.12 14.56 6.90
C ASP A 164 -40.47 14.12 8.22
N GLY A 165 -39.55 14.92 8.74
CA GLY A 165 -39.05 14.75 10.10
C GLY A 165 -37.65 14.17 10.27
N VAL A 166 -36.80 14.35 9.26
CA VAL A 166 -35.47 13.75 9.28
C VAL A 166 -34.38 14.79 9.56
N ASN A 167 -33.45 14.43 10.43
CA ASN A 167 -32.35 15.30 10.82
C ASN A 167 -31.40 15.66 9.67
N PRO A 168 -30.82 16.87 9.73
CA PRO A 168 -29.82 17.37 8.77
C PRO A 168 -28.46 16.69 8.92
N PRO A 169 -27.61 16.77 7.89
CA PRO A 169 -27.88 17.38 6.57
C PRO A 169 -28.69 16.48 5.65
N ALA A 170 -29.80 17.00 5.13
CA ALA A 170 -30.60 16.25 4.17
C ALA A 170 -31.13 17.17 3.08
N ALA A 171 -31.71 16.58 2.05
CA ALA A 171 -32.25 17.35 0.94
C ALA A 171 -33.58 16.77 0.47
N ARG A 172 -34.49 17.66 0.08
CA ARG A 172 -35.82 17.24 -0.37
C ARG A 172 -36.18 17.93 -1.67
N MET A 173 -36.96 17.25 -2.50
CA MET A 173 -37.42 17.80 -3.77
C MET A 173 -38.88 18.21 -3.67
N PHE A 174 -39.21 19.31 -4.33
CA PHE A 174 -40.55 19.87 -4.26
C PHE A 174 -41.09 20.18 -5.64
N TRP A 175 -42.33 20.64 -5.65
CA TRP A 175 -42.99 21.15 -6.83
C TRP A 175 -43.78 22.39 -6.44
N LYS A 176 -43.47 23.51 -7.09
CA LYS A 176 -44.19 24.76 -6.87
C LYS A 176 -45.16 25.11 -7.99
N ASP A 177 -46.27 25.74 -7.62
CA ASP A 177 -47.30 26.13 -8.58
C ASP A 177 -48.05 27.36 -8.11
N ARG A 178 -48.92 27.89 -8.98
CA ARG A 178 -49.83 28.96 -8.60
C ARG A 178 -50.60 28.55 -7.35
N GLU A 179 -50.94 27.27 -7.29
CA GLU A 179 -51.66 26.71 -6.15
C GLU A 179 -50.80 26.71 -4.89
N GLY A 180 -49.57 26.19 -4.98
CA GLY A 180 -48.68 26.16 -3.83
C GLY A 180 -47.54 25.17 -3.93
N GLU A 181 -47.10 24.68 -2.77
CA GLU A 181 -45.92 23.84 -2.66
C GLU A 181 -46.23 22.42 -2.18
N ARG A 182 -45.44 21.45 -2.63
CA ARG A 182 -45.58 20.08 -2.16
C ARG A 182 -44.32 19.26 -2.40
N MET A 183 -43.89 18.53 -1.36
CA MET A 183 -42.74 17.65 -1.49
C MET A 183 -43.07 16.45 -2.38
N VAL A 184 -42.32 16.33 -3.47
CA VAL A 184 -42.59 15.28 -4.45
C VAL A 184 -41.54 14.20 -4.41
N PHE A 185 -40.42 14.46 -3.74
CA PHE A 185 -39.38 13.44 -3.69
C PHE A 185 -38.37 13.60 -2.55
N GLY A 186 -38.05 12.47 -1.93
CA GLY A 186 -37.01 12.43 -0.91
C GLY A 186 -37.40 11.89 0.45
N GLU A 187 -38.70 11.64 0.67
CA GLU A 187 -39.17 11.20 1.99
C GLU A 187 -38.40 9.99 2.52
N GLY A 188 -37.86 10.14 3.73
CA GLY A 188 -37.20 9.05 4.41
C GLY A 188 -35.70 9.00 4.16
N LEU A 189 -35.24 9.81 3.21
CA LEU A 189 -33.80 9.89 2.94
C LEU A 189 -33.05 10.36 4.18
N THR A 190 -32.34 9.43 4.81
CA THR A 190 -31.54 9.74 5.98
C THR A 190 -30.53 10.82 5.62
N SER A 191 -29.96 11.45 6.64
CA SER A 191 -28.96 12.49 6.43
C SER A 191 -27.76 11.92 5.69
N GLY A 192 -27.27 12.67 4.70
CA GLY A 192 -26.16 12.23 3.88
C GLY A 192 -26.57 12.03 2.44
N TYR A 193 -27.80 11.55 2.24
CA TYR A 193 -28.35 11.41 0.90
C TYR A 193 -28.55 12.77 0.26
N PHE A 194 -27.96 12.96 -0.91
CA PHE A 194 -28.13 14.19 -1.67
C PHE A 194 -28.58 13.90 -3.09
N MET A 195 -29.43 14.77 -3.61
CA MET A 195 -30.17 14.48 -4.83
C MET A 195 -30.15 15.62 -5.82
N SER A 196 -30.53 15.32 -7.05
CA SER A 196 -30.70 16.34 -8.07
C SER A 196 -31.59 15.82 -9.20
N ILE A 197 -32.17 16.75 -9.95
CA ILE A 197 -32.99 16.38 -11.08
C ILE A 197 -32.57 17.14 -12.34
N ARG A 198 -32.60 16.45 -13.47
CA ARG A 198 -32.40 17.06 -14.76
C ARG A 198 -33.44 16.49 -15.71
N LYS A 199 -33.83 17.27 -16.71
CA LYS A 199 -34.73 16.79 -17.75
C LYS A 199 -33.96 15.96 -18.77
N SER A 200 -34.64 15.00 -19.39
CA SER A 200 -34.10 14.38 -20.59
C SER A 200 -34.14 15.43 -21.70
N SER A 201 -33.38 15.21 -22.78
CA SER A 201 -33.23 16.18 -23.86
C SER A 201 -34.56 16.59 -24.47
N ASP A 202 -35.40 15.60 -24.73
CA ASP A 202 -36.75 15.84 -25.26
C ASP A 202 -37.65 16.50 -24.22
N GLY A 203 -37.30 16.34 -22.94
CA GLY A 203 -37.99 17.02 -21.88
C GLY A 203 -39.22 16.29 -21.37
N LYS A 204 -39.39 15.04 -21.79
CA LYS A 204 -40.58 14.30 -21.38
C LYS A 204 -40.29 13.26 -20.30
N PHE A 205 -39.03 13.22 -19.86
CA PHE A 205 -38.62 12.33 -18.79
C PHE A 205 -37.90 13.12 -17.69
N ALA A 206 -38.19 12.79 -16.43
CA ALA A 206 -37.40 13.33 -15.33
C ALA A 206 -36.27 12.36 -15.00
N ILE A 207 -35.08 12.90 -14.74
CA ILE A 207 -33.96 12.05 -14.34
C ILE A 207 -33.44 12.45 -12.98
N VAL A 208 -33.64 11.59 -11.98
CA VAL A 208 -33.25 11.91 -10.61
C VAL A 208 -32.09 11.05 -10.13
N THR A 209 -31.07 11.70 -9.58
CA THR A 209 -29.83 11.05 -9.16
C THR A 209 -29.62 11.15 -7.66
N LEU A 210 -29.74 10.03 -6.97
CA LEU A 210 -29.46 9.98 -5.54
C LEU A 210 -27.98 9.78 -5.31
N THR A 211 -27.44 10.42 -4.27
CA THR A 211 -26.05 10.22 -3.87
C THR A 211 -25.93 10.11 -2.36
N TYR A 212 -25.24 9.08 -1.89
CA TYR A 212 -24.89 9.03 -0.48
C TYR A 212 -23.39 9.26 -0.32
N GLY A 213 -23.06 10.24 0.52
CA GLY A 213 -21.69 10.72 0.63
C GLY A 213 -21.27 11.36 -0.68
N TRP A 214 -20.11 10.97 -1.17
CA TRP A 214 -19.54 11.48 -2.43
C TRP A 214 -19.01 10.30 -3.25
N ASN A 215 -19.71 9.18 -3.15
CA ASN A 215 -19.09 7.88 -3.33
C ASN A 215 -19.99 6.89 -4.06
N GLN A 216 -21.30 7.15 -4.05
CA GLN A 216 -22.28 6.12 -4.38
C GLN A 216 -23.71 6.67 -4.71
N GLY A 217 -24.46 5.96 -5.55
CA GLY A 217 -25.72 6.48 -6.07
C GLY A 217 -26.69 5.52 -6.72
N GLU A 218 -27.90 6.03 -6.90
CA GLU A 218 -28.97 5.31 -7.57
C GLU A 218 -29.71 6.27 -8.50
N VAL A 219 -30.23 5.76 -9.63
CA VAL A 219 -30.92 6.62 -10.60
C VAL A 219 -32.41 6.31 -10.75
N TYR A 220 -33.23 7.35 -10.77
CA TYR A 220 -34.66 7.19 -10.94
C TYR A 220 -35.08 7.95 -12.18
N ILE A 221 -35.88 7.33 -13.02
CA ILE A 221 -36.42 8.01 -14.19
C ILE A 221 -37.93 7.83 -14.28
N GLY A 222 -38.58 8.72 -15.02
CA GLY A 222 -40.02 8.68 -15.16
C GLY A 222 -40.57 9.86 -15.93
N PRO A 223 -41.89 9.87 -16.14
CA PRO A 223 -42.58 11.00 -16.80
C PRO A 223 -42.34 12.29 -16.03
N ILE A 224 -41.98 13.36 -16.73
CA ILE A 224 -41.70 14.63 -16.07
C ILE A 224 -42.98 15.20 -15.40
N ASP A 225 -44.14 14.74 -15.85
CA ASP A 225 -45.42 15.12 -15.26
C ASP A 225 -45.63 14.60 -13.84
N ASN A 226 -45.31 13.32 -13.62
CA ASN A 226 -45.68 12.68 -12.36
C ASN A 226 -44.53 12.00 -11.61
N PRO A 227 -44.18 12.55 -10.44
CA PRO A 227 -43.20 12.02 -9.49
C PRO A 227 -43.61 10.68 -8.89
N GLN A 228 -44.90 10.39 -8.87
CA GLN A 228 -45.39 9.14 -8.31
C GLN A 228 -44.95 7.97 -9.18
N GLU A 229 -44.66 8.26 -10.43
CA GLU A 229 -44.23 7.25 -11.39
C GLU A 229 -42.74 7.36 -11.71
N TRP A 230 -41.98 7.92 -10.79
CA TRP A 230 -40.53 8.00 -10.94
C TRP A 230 -39.87 6.78 -10.33
N LYS A 231 -39.62 5.77 -11.15
CA LYS A 231 -39.18 4.50 -10.61
C LYS A 231 -37.68 4.35 -10.73
N LYS A 232 -37.10 3.58 -9.81
CA LYS A 232 -35.67 3.36 -9.76
C LYS A 232 -35.27 2.36 -10.82
N VAL A 233 -34.37 2.76 -11.71
CA VAL A 233 -33.99 1.91 -12.84
C VAL A 233 -32.54 1.46 -12.78
N TYR A 234 -31.71 2.17 -12.00
CA TYR A 234 -30.34 1.73 -11.81
C TYR A 234 -29.83 1.87 -10.37
N SER A 235 -29.05 0.87 -9.95
CA SER A 235 -28.51 0.81 -8.60
C SER A 235 -27.00 0.57 -8.64
N ALA A 236 -26.23 1.49 -8.08
CA ALA A 236 -24.77 1.41 -8.16
C ALA A 236 -24.10 1.52 -6.81
N SER A 237 -22.78 1.37 -6.80
CA SER A 237 -22.01 1.34 -5.56
C SER A 237 -20.83 2.31 -5.63
N VAL A 238 -20.65 2.92 -6.79
CA VAL A 238 -19.52 3.79 -7.09
C VAL A 238 -20.04 4.93 -7.98
N PRO A 239 -19.36 6.10 -8.02
CA PRO A 239 -19.88 7.28 -8.71
C PRO A 239 -20.44 7.06 -10.12
N VAL A 240 -21.75 7.33 -10.28
CA VAL A 240 -22.40 7.27 -11.59
C VAL A 240 -23.10 8.58 -11.90
N GLU A 241 -23.30 8.86 -13.19
CA GLU A 241 -24.12 9.98 -13.62
C GLU A 241 -24.96 9.63 -14.84
N ALA A 242 -26.23 10.01 -14.78
CA ALA A 242 -27.17 9.75 -15.85
C ALA A 242 -27.07 10.81 -16.94
N ILE A 243 -26.85 10.37 -18.17
CA ILE A 243 -26.61 11.29 -19.27
C ILE A 243 -27.88 11.83 -19.90
N ASP A 244 -28.80 10.92 -20.25
CA ASP A 244 -29.99 11.26 -21.03
C ASP A 244 -30.88 10.04 -21.23
N VAL A 245 -32.17 10.29 -21.46
CA VAL A 245 -33.10 9.24 -21.87
C VAL A 245 -33.51 9.50 -23.30
N VAL A 246 -32.90 8.77 -24.21
CA VAL A 246 -33.15 9.00 -25.59
C VAL A 246 -33.84 7.80 -26.08
N ASN A 247 -34.98 7.97 -26.70
CA ASN A 247 -35.61 6.81 -27.27
C ASN A 247 -35.71 5.62 -26.34
N GLY A 248 -36.19 5.84 -25.14
CA GLY A 248 -36.45 4.82 -24.16
C GLY A 248 -35.34 4.19 -23.34
N LYS A 249 -34.11 4.55 -23.59
CA LYS A 249 -32.98 4.00 -22.88
C LYS A 249 -32.29 5.03 -22.04
N LEU A 250 -31.92 4.67 -20.82
CA LEU A 250 -31.29 5.63 -19.98
C LEU A 250 -29.84 5.41 -20.17
N TYR A 251 -29.13 6.47 -20.57
CA TYR A 251 -27.68 6.39 -20.78
C TYR A 251 -26.94 6.85 -19.55
N ILE A 252 -26.00 6.02 -19.10
CA ILE A 252 -25.32 6.23 -17.84
C ILE A 252 -23.81 6.21 -17.99
N LEU A 253 -23.15 7.19 -17.37
CA LEU A 253 -21.70 7.21 -17.28
C LEU A 253 -21.32 6.63 -15.92
N THR A 254 -20.72 5.44 -15.92
CA THR A 254 -20.45 4.71 -14.70
C THR A 254 -18.97 4.37 -14.52
N LYS A 255 -18.48 4.55 -13.31
CA LYS A 255 -17.12 4.12 -12.97
C LYS A 255 -17.07 2.72 -12.36
N GLU A 256 -18.15 1.94 -12.50
CA GLU A 256 -18.12 0.53 -12.12
C GLU A 256 -17.10 -0.19 -12.99
N GLY A 257 -16.66 -1.37 -12.55
CA GLY A 257 -15.61 -2.09 -13.25
C GLY A 257 -14.26 -1.70 -12.67
N LYS A 258 -13.33 -1.33 -13.54
CA LYS A 258 -11.98 -0.97 -13.09
C LYS A 258 -11.92 0.47 -12.56
N GLY A 259 -12.94 1.27 -12.90
CA GLY A 259 -13.07 2.60 -12.33
C GLY A 259 -12.60 3.74 -13.23
N LEU A 260 -12.57 3.49 -14.54
CA LEU A 260 -12.09 4.48 -15.49
C LEU A 260 -13.22 5.25 -16.17
N GLY A 261 -14.41 4.68 -16.17
CA GLY A 261 -15.54 5.36 -16.79
C GLY A 261 -15.97 4.70 -18.10
N LYS A 262 -17.21 4.21 -18.11
CA LYS A 262 -17.80 3.61 -19.30
C LYS A 262 -19.26 4.03 -19.44
N ILE A 263 -19.77 4.01 -20.66
CA ILE A 263 -21.17 4.34 -20.90
C ILE A 263 -22.02 3.08 -21.06
N ILE A 264 -23.07 2.99 -20.26
CA ILE A 264 -24.00 1.89 -20.36
C ILE A 264 -25.39 2.42 -20.64
N ALA A 265 -26.23 1.59 -21.24
CA ALA A 265 -27.62 1.96 -21.49
C ALA A 265 -28.56 0.97 -20.83
N ILE A 266 -29.69 1.47 -20.34
CA ILE A 266 -30.67 0.64 -19.65
C ILE A 266 -32.07 0.81 -20.21
N LYS A 267 -32.62 -0.26 -20.76
CA LYS A 267 -33.98 -0.22 -21.27
C LYS A 267 -34.79 -1.38 -20.76
N ASN A 268 -35.80 -1.07 -19.94
CA ASN A 268 -36.73 -2.06 -19.40
C ASN A 268 -36.01 -3.21 -18.70
N GLY A 269 -35.14 -2.85 -17.76
CA GLY A 269 -34.44 -3.82 -16.93
C GLY A 269 -33.13 -4.34 -17.51
N LYS A 270 -33.00 -4.27 -18.82
CA LYS A 270 -31.86 -4.85 -19.52
C LYS A 270 -30.70 -3.86 -19.69
N ILE A 271 -29.51 -4.28 -19.28
CA ILE A 271 -28.31 -3.44 -19.36
C ILE A 271 -27.39 -3.89 -20.49
N ASP A 272 -27.01 -2.95 -21.34
CA ASP A 272 -25.99 -3.20 -22.35
C ASP A 272 -24.93 -2.10 -22.31
N GLU A 273 -23.68 -2.49 -22.57
CA GLU A 273 -22.56 -1.56 -22.50
C GLU A 273 -22.34 -0.85 -23.85
N VAL A 274 -22.63 0.44 -23.89
CA VAL A 274 -22.50 1.23 -25.13
C VAL A 274 -21.06 1.56 -25.47
N ILE A 275 -20.35 2.14 -24.50
CA ILE A 275 -18.93 2.43 -24.65
C ILE A 275 -18.15 1.82 -23.48
N PRO A 276 -17.26 0.87 -23.79
CA PRO A 276 -16.45 0.16 -22.79
C PRO A 276 -15.38 1.04 -22.15
N GLU A 277 -14.76 0.53 -21.09
CA GLU A 277 -13.70 1.27 -20.42
C GLU A 277 -12.50 1.40 -21.35
N GLY A 278 -11.90 2.59 -21.37
CA GLY A 278 -10.75 2.84 -22.21
C GLY A 278 -9.47 2.78 -21.39
N GLU A 279 -8.38 3.29 -21.94
CA GLU A 279 -7.14 3.35 -21.20
C GLU A 279 -7.11 4.56 -20.27
N PHE A 280 -7.85 5.61 -20.63
CA PHE A 280 -7.91 6.83 -19.84
C PHE A 280 -9.35 7.14 -19.38
N PRO A 281 -9.49 7.91 -18.27
CA PRO A 281 -10.82 8.14 -17.68
C PRO A 281 -11.79 8.89 -18.57
N LEU A 282 -13.04 8.46 -18.53
CA LEU A 282 -14.15 9.14 -19.19
C LEU A 282 -14.88 9.99 -18.15
N GLU A 283 -14.63 11.30 -18.16
CA GLU A 283 -15.06 12.17 -17.07
C GLU A 283 -16.48 12.73 -17.22
N TRP A 284 -16.95 12.82 -18.45
CA TRP A 284 -18.31 13.27 -18.68
C TRP A 284 -18.73 12.93 -20.09
N ALA A 285 -20.04 12.81 -20.29
CA ALA A 285 -20.58 12.73 -21.65
C ALA A 285 -21.93 13.41 -21.72
N VAL A 286 -22.25 13.95 -22.89
CA VAL A 286 -23.58 14.47 -23.17
C VAL A 286 -24.03 13.95 -24.52
N ILE A 287 -25.33 13.72 -24.67
CA ILE A 287 -25.88 13.28 -25.94
C ILE A 287 -26.42 14.47 -26.73
N VAL A 288 -25.95 14.62 -27.97
CA VAL A 288 -26.37 15.69 -28.88
C VAL A 288 -26.57 15.20 -30.31
N ARG A 289 -27.80 15.29 -30.82
CA ARG A 289 -28.07 15.00 -32.23
C ARG A 289 -27.72 13.58 -32.66
N ASP A 290 -28.26 12.57 -32.00
CA ASP A 290 -27.94 11.17 -32.32
C ASP A 290 -26.44 10.89 -32.23
N LYS A 291 -25.73 11.70 -31.47
CA LYS A 291 -24.29 11.55 -31.27
C LYS A 291 -23.96 11.67 -29.78
N ILE A 292 -23.05 10.82 -29.31
CA ILE A 292 -22.54 10.96 -27.94
C ILE A 292 -21.28 11.80 -27.96
N LEU A 293 -21.25 12.82 -27.12
CA LEU A 293 -20.08 13.69 -27.00
C LEU A 293 -19.39 13.44 -25.67
N ALA A 294 -18.10 13.10 -25.69
CA ALA A 294 -17.43 12.62 -24.50
C ALA A 294 -16.16 13.39 -24.17
N GLY A 295 -15.95 13.64 -22.88
CA GLY A 295 -14.71 14.19 -22.40
C GLY A 295 -13.79 13.09 -21.89
N ARG A 296 -12.72 12.85 -22.64
CA ARG A 296 -11.70 11.87 -22.27
C ARG A 296 -10.52 12.60 -21.64
N LEU A 297 -10.12 12.18 -20.44
CA LEU A 297 -9.06 12.87 -19.71
C LEU A 297 -7.70 12.20 -19.90
N VAL A 298 -7.00 12.62 -20.95
CA VAL A 298 -5.72 12.02 -21.31
C VAL A 298 -4.56 12.71 -20.59
N HIS A 299 -4.07 12.04 -19.54
CA HIS A 299 -2.98 12.56 -18.71
C HIS A 299 -3.29 13.95 -18.16
N ALA A 300 -4.45 14.04 -17.50
CA ALA A 300 -4.90 15.25 -16.81
C ALA A 300 -5.22 16.46 -17.70
N SER A 301 -5.37 16.25 -19.01
CA SER A 301 -5.98 17.27 -19.87
C SER A 301 -7.04 16.62 -20.76
N TYR A 302 -7.91 17.46 -21.30
CA TYR A 302 -9.08 16.98 -22.00
C TYR A 302 -8.93 16.91 -23.51
N LYS A 303 -9.48 15.84 -24.08
CA LYS A 303 -9.67 15.73 -25.52
C LYS A 303 -11.12 15.35 -25.74
N LEU A 304 -11.63 15.62 -26.93
CA LEU A 304 -13.06 15.50 -27.20
C LEU A 304 -13.38 14.33 -28.13
N GLU A 305 -14.29 13.45 -27.70
CA GLU A 305 -14.59 12.26 -28.48
C GLU A 305 -16.06 12.21 -28.90
N VAL A 306 -16.28 11.96 -30.19
CA VAL A 306 -17.63 11.93 -30.74
C VAL A 306 -18.01 10.51 -31.12
N TYR A 307 -19.06 9.98 -30.49
CA TYR A 307 -19.52 8.63 -30.77
C TYR A 307 -20.94 8.62 -31.35
N THR A 308 -21.27 7.57 -32.11
CA THR A 308 -22.65 7.32 -32.50
C THR A 308 -23.40 6.84 -31.26
N LEU A 309 -24.72 6.79 -31.34
CA LEU A 309 -25.51 6.37 -30.19
C LEU A 309 -25.25 4.91 -29.80
N ASN A 310 -24.80 4.11 -30.75
CA ASN A 310 -24.57 2.68 -30.52
C ASN A 310 -23.13 2.46 -30.01
N GLY A 311 -22.35 3.54 -29.95
CA GLY A 311 -21.06 3.54 -29.25
C GLY A 311 -19.85 3.52 -30.17
N GLU A 312 -20.04 3.96 -31.42
CA GLU A 312 -18.98 3.89 -32.42
C GLU A 312 -18.26 5.21 -32.60
N LYS A 313 -16.96 5.22 -32.33
CA LYS A 313 -16.19 6.45 -32.37
C LYS A 313 -16.13 7.00 -33.79
N ILE A 314 -16.71 8.18 -34.01
CA ILE A 314 -16.66 8.85 -35.31
C ILE A 314 -15.37 9.63 -35.48
N LYS A 315 -14.98 10.33 -34.42
CA LYS A 315 -13.81 11.21 -34.47
C LYS A 315 -13.40 11.69 -33.08
N GLU A 316 -12.20 12.26 -33.01
CA GLU A 316 -11.75 12.91 -31.80
C GLU A 316 -11.29 14.33 -32.10
N ILE A 317 -11.28 15.18 -31.07
CA ILE A 317 -10.87 16.56 -31.19
C ILE A 317 -9.81 16.88 -30.15
N THR A 318 -8.69 17.44 -30.59
CA THR A 318 -7.58 17.75 -29.71
C THR A 318 -7.41 19.26 -29.62
N PHE A 319 -6.66 19.73 -28.63
CA PHE A 319 -6.46 21.15 -28.46
C PHE A 319 -4.99 21.55 -28.56
N ASP A 320 -4.75 22.72 -29.15
CA ASP A 320 -3.42 23.32 -29.22
C ASP A 320 -2.76 23.36 -27.85
N VAL A 321 -3.50 23.92 -26.89
CA VAL A 321 -3.04 24.07 -25.53
C VAL A 321 -3.83 23.14 -24.62
N PRO A 322 -3.13 22.38 -23.74
CA PRO A 322 -3.80 21.51 -22.79
C PRO A 322 -4.74 22.30 -21.91
N GLY A 323 -6.02 21.92 -21.89
CA GLY A 323 -7.00 22.59 -21.07
C GLY A 323 -8.04 21.69 -20.43
N SER A 324 -8.85 22.27 -19.55
CA SER A 324 -9.96 21.56 -18.97
C SER A 324 -11.22 21.88 -19.76
N LEU A 325 -12.11 20.91 -19.89
CA LEU A 325 -13.28 21.05 -20.76
C LEU A 325 -14.53 20.47 -20.12
N TYR A 326 -15.50 21.33 -19.84
CA TYR A 326 -16.74 20.91 -19.18
C TYR A 326 -17.95 21.42 -19.94
N PRO A 327 -19.02 20.62 -20.00
CA PRO A 327 -20.28 21.12 -20.53
C PRO A 327 -20.91 22.18 -19.62
N LEU A 328 -21.48 23.24 -20.21
CA LEU A 328 -22.15 24.27 -19.43
C LEU A 328 -23.65 24.07 -19.48
N ASP A 329 -24.16 23.77 -20.67
CA ASP A 329 -25.57 23.48 -20.87
C ASP A 329 -25.77 22.80 -22.21
N LYS A 330 -26.94 22.20 -22.38
CA LYS A 330 -27.23 21.40 -23.56
C LYS A 330 -28.72 21.40 -23.88
N ASP A 331 -29.05 21.46 -25.17
CA ASP A 331 -30.41 21.15 -25.61
C ASP A 331 -30.33 20.06 -26.67
N GLU A 332 -31.45 19.79 -27.32
CA GLU A 332 -31.51 18.72 -28.32
C GLU A 332 -30.59 18.95 -29.50
N GLU A 333 -30.22 20.20 -29.76
CA GLU A 333 -29.47 20.51 -30.96
C GLU A 333 -28.01 20.90 -30.70
N ARG A 334 -27.66 21.27 -29.47
CA ARG A 334 -26.30 21.72 -29.23
C ARG A 334 -25.89 21.75 -27.75
N VAL A 335 -24.58 21.85 -27.54
CA VAL A 335 -24.01 21.92 -26.21
C VAL A 335 -23.01 23.06 -26.12
N LEU A 336 -23.02 23.77 -24.99
CA LEU A 336 -22.00 24.78 -24.68
C LEU A 336 -20.95 24.20 -23.75
N LEU A 337 -19.68 24.45 -24.07
CA LEU A 337 -18.57 23.93 -23.28
C LEU A 337 -17.66 25.05 -22.77
N ARG A 338 -17.19 24.88 -21.54
CA ARG A 338 -16.23 25.81 -20.97
C ARG A 338 -14.84 25.20 -21.03
N TYR A 339 -13.92 25.95 -21.63
CA TYR A 339 -12.52 25.58 -21.66
C TYR A 339 -11.75 26.55 -20.79
N THR A 340 -10.71 26.05 -20.13
CA THR A 340 -9.81 26.93 -19.40
C THR A 340 -8.41 26.33 -19.38
N SER A 341 -7.41 27.20 -19.23
CA SER A 341 -6.04 26.74 -19.16
C SER A 341 -5.15 27.74 -18.42
N PHE A 342 -3.89 27.37 -18.25
CA PHE A 342 -2.94 28.12 -17.44
C PHE A 342 -2.82 29.61 -17.78
N THR A 343 -2.88 29.95 -19.06
CA THR A 343 -2.83 31.36 -19.44
C THR A 343 -4.03 31.68 -20.31
N ILE A 344 -5.10 30.90 -20.13
CA ILE A 344 -6.36 31.09 -20.86
C ILE A 344 -7.57 31.00 -19.92
N PRO A 345 -7.97 32.12 -19.31
CA PRO A 345 -9.10 32.23 -18.37
C PRO A 345 -10.38 31.53 -18.82
N TYR A 346 -10.77 31.68 -20.08
CA TYR A 346 -11.87 30.89 -20.60
C TYR A 346 -12.00 30.92 -22.11
N ARG A 347 -12.48 29.82 -22.65
CA ARG A 347 -13.01 29.77 -24.00
C ARG A 347 -14.41 29.18 -23.87
N LEU A 348 -15.37 29.80 -24.54
CA LEU A 348 -16.69 29.23 -24.64
C LEU A 348 -16.79 28.52 -26.00
N TYR A 349 -17.19 27.27 -25.98
CA TYR A 349 -17.32 26.50 -27.22
C TYR A 349 -18.76 26.06 -27.44
N GLU A 350 -19.11 25.95 -28.71
CA GLU A 350 -20.40 25.42 -29.11
C GLU A 350 -20.19 24.21 -30.01
N PHE A 351 -20.67 23.05 -29.56
CA PHE A 351 -20.63 21.86 -30.41
C PHE A 351 -22.04 21.49 -30.87
N LYS A 352 -22.19 21.31 -32.18
CA LYS A 352 -23.50 21.07 -32.76
C LYS A 352 -23.35 19.91 -33.74
N ASP A 353 -22.50 20.11 -34.74
CA ASP A 353 -21.97 19.04 -35.58
C ASP A 353 -20.45 19.12 -35.50
N ASP A 354 -19.95 20.36 -35.43
CA ASP A 354 -18.54 20.64 -35.24
C ASP A 354 -18.32 21.48 -33.99
N LEU A 355 -17.05 21.61 -33.59
CA LEU A 355 -16.67 22.42 -32.44
C LEU A 355 -16.32 23.85 -32.84
N ARG A 356 -17.11 24.82 -32.38
CA ARG A 356 -16.93 26.20 -32.79
C ARG A 356 -16.62 27.15 -31.63
N LEU A 357 -15.53 27.89 -31.77
CA LEU A 357 -15.13 28.85 -30.76
C LEU A 357 -15.98 30.11 -30.83
N ILE A 358 -16.75 30.38 -29.78
CA ILE A 358 -17.70 31.50 -29.82
C ILE A 358 -17.39 32.61 -28.81
N GLU A 359 -16.38 32.40 -27.97
CA GLU A 359 -15.84 33.47 -27.12
C GLU A 359 -14.53 33.01 -26.49
N GLU A 360 -13.59 33.94 -26.31
CA GLU A 360 -12.29 33.61 -25.73
C GLU A 360 -11.64 34.78 -25.00
N ARG A 361 -11.06 34.48 -23.83
CA ARG A 361 -10.19 35.39 -23.11
C ARG A 361 -8.88 34.70 -22.83
N LYS A 362 -7.81 35.20 -23.43
CA LYS A 362 -6.47 34.67 -23.16
C LYS A 362 -5.51 35.79 -22.79
N VAL A 363 -4.44 35.43 -22.10
CA VAL A 363 -3.40 36.39 -21.71
C VAL A 363 -2.24 36.32 -22.68
N GLU A 364 -2.02 37.38 -23.44
CA GLU A 364 -0.93 37.41 -24.41
C GLU A 364 0.43 37.44 -23.73
N GLY A 365 1.45 36.98 -24.45
CA GLY A 365 2.80 36.87 -23.92
C GLY A 365 3.41 35.58 -24.41
N GLU A 366 4.73 35.48 -24.36
CA GLU A 366 5.39 34.25 -24.78
C GLU A 366 5.38 33.24 -23.65
N PHE A 367 4.22 32.58 -23.48
CA PHE A 367 4.05 31.56 -22.46
C PHE A 367 4.04 30.17 -23.10
N ARG A 368 4.55 29.18 -22.36
CA ARG A 368 4.64 27.82 -22.87
C ARG A 368 4.06 26.80 -21.89
N VAL A 369 3.36 25.81 -22.42
CA VAL A 369 2.90 24.69 -21.59
C VAL A 369 3.56 23.39 -22.03
N GLU A 370 4.38 22.81 -21.17
CA GLU A 370 4.99 21.52 -21.45
C GLU A 370 4.56 20.47 -20.43
N GLU A 371 4.96 19.23 -20.67
CA GLU A 371 4.60 18.14 -19.77
C GLU A 371 5.80 17.24 -19.53
N ASP A 372 5.81 16.56 -18.39
CA ASP A 372 6.84 15.57 -18.08
C ASP A 372 6.36 14.69 -16.93
N PHE A 373 7.15 13.68 -16.61
CA PHE A 373 6.79 12.75 -15.56
C PHE A 373 7.91 12.63 -14.54
N ALA A 374 7.54 12.37 -13.29
CA ALA A 374 8.50 11.99 -12.28
C ALA A 374 8.22 10.54 -11.92
N THR A 375 9.21 9.88 -11.31
CA THR A 375 9.03 8.51 -10.88
C THR A 375 8.91 8.48 -9.36
N SER A 376 7.80 7.94 -8.86
CA SER A 376 7.60 7.80 -7.41
C SER A 376 8.34 6.58 -6.85
N LYS A 377 8.33 6.44 -5.53
CA LYS A 377 8.99 5.31 -4.86
C LYS A 377 8.72 3.97 -5.53
N ASP A 378 7.44 3.62 -5.70
CA ASP A 378 7.09 2.31 -6.25
C ASP A 378 7.07 2.27 -7.79
N GLY A 379 7.62 3.30 -8.43
CA GLY A 379 7.77 3.29 -9.88
C GLY A 379 6.65 3.99 -10.63
N THR A 380 5.65 4.44 -9.89
CA THR A 380 4.49 5.12 -10.46
C THR A 380 4.88 6.42 -11.13
N LYS A 381 4.46 6.58 -12.38
CA LYS A 381 4.75 7.78 -13.16
C LYS A 381 3.83 8.94 -12.78
N VAL A 382 4.42 10.02 -12.26
CA VAL A 382 3.65 11.18 -11.82
C VAL A 382 3.73 12.31 -12.85
N HIS A 383 2.70 12.42 -13.68
CA HIS A 383 2.59 13.48 -14.68
C HIS A 383 2.58 14.85 -14.02
N TYR A 384 3.18 15.83 -14.70
CA TYR A 384 3.04 17.21 -14.27
C TYR A 384 3.13 18.21 -15.42
N PHE A 385 2.30 19.25 -15.34
CA PHE A 385 2.30 20.35 -16.30
C PHE A 385 3.41 21.34 -15.98
N ILE A 386 3.90 22.02 -17.02
CA ILE A 386 4.99 22.96 -16.89
C ILE A 386 4.62 24.24 -17.62
N VAL A 387 4.50 25.35 -16.89
CA VAL A 387 4.22 26.61 -17.56
C VAL A 387 5.44 27.50 -17.44
N LYS A 388 5.95 27.95 -18.58
CA LYS A 388 7.15 28.77 -18.58
C LYS A 388 6.95 30.11 -19.28
N GLY A 389 7.70 31.10 -18.83
CA GLY A 389 7.68 32.41 -19.47
C GLY A 389 8.76 32.51 -20.53
N GLU A 390 9.06 33.74 -20.93
CA GLU A 390 10.07 33.99 -21.95
C GLU A 390 11.48 33.66 -21.46
N ARG A 391 11.76 34.00 -20.20
CA ARG A 391 13.04 33.68 -19.61
C ARG A 391 12.87 32.67 -18.47
N ASP A 392 13.96 32.02 -18.11
CA ASP A 392 13.96 30.97 -17.09
C ASP A 392 15.00 31.29 -16.03
N GLU A 393 14.54 31.75 -14.86
CA GLU A 393 15.44 32.09 -13.77
C GLU A 393 15.60 30.91 -12.82
N LYS A 394 15.22 29.72 -13.30
CA LYS A 394 15.36 28.49 -12.54
C LYS A 394 14.70 28.56 -11.16
N ARG A 395 13.44 28.96 -11.14
CA ARG A 395 12.64 28.97 -9.92
C ARG A 395 11.25 28.40 -10.22
N ALA A 396 10.80 27.49 -9.37
CA ALA A 396 9.53 26.79 -9.61
C ALA A 396 8.50 27.00 -8.50
N TRP A 397 7.26 27.25 -8.90
CA TRP A 397 6.13 27.31 -7.98
C TRP A 397 5.29 26.06 -8.23
N VAL A 398 5.31 25.14 -7.26
CA VAL A 398 4.83 23.79 -7.49
C VAL A 398 3.56 23.51 -6.71
N PHE A 399 2.47 23.33 -7.45
CA PHE A 399 1.14 23.21 -6.89
C PHE A 399 0.66 21.76 -6.88
N GLY A 400 0.15 21.31 -5.74
CA GLY A 400 -0.38 19.97 -5.65
C GLY A 400 -1.59 19.87 -4.76
N TYR A 401 -2.35 18.80 -4.92
CA TYR A 401 -3.50 18.51 -4.07
C TYR A 401 -3.43 17.03 -3.67
N GLY A 402 -3.86 16.16 -4.59
CA GLY A 402 -3.73 14.72 -4.40
C GLY A 402 -4.71 14.19 -3.38
N GLY A 403 -6.00 14.17 -3.75
CA GLY A 403 -7.00 13.59 -2.88
C GLY A 403 -8.44 13.81 -3.31
N PHE A 404 -9.35 13.12 -2.63
CA PHE A 404 -10.78 13.33 -2.78
C PHE A 404 -11.29 13.24 -4.21
N ASN A 405 -10.67 12.36 -5.00
CA ASN A 405 -11.11 12.11 -6.37
C ASN A 405 -11.10 13.37 -7.25
N ILE A 406 -10.34 14.37 -6.81
CA ILE A 406 -10.28 15.64 -7.53
C ILE A 406 -9.06 15.73 -8.43
N ALA A 407 -9.30 15.77 -9.73
CA ALA A 407 -8.23 15.84 -10.70
C ALA A 407 -7.73 17.27 -10.91
N LEU A 408 -6.42 17.45 -10.82
CA LEU A 408 -5.83 18.73 -11.16
C LEU A 408 -5.63 18.79 -12.67
N THR A 409 -6.53 19.51 -13.34
CA THR A 409 -6.44 19.69 -14.79
C THR A 409 -6.16 21.19 -15.03
N PRO A 410 -5.73 21.58 -16.24
CA PRO A 410 -5.31 22.97 -16.46
C PRO A 410 -6.34 24.02 -16.07
N MET A 411 -5.90 25.07 -15.37
CA MET A 411 -6.79 26.14 -14.95
C MET A 411 -6.03 27.45 -14.80
N PHE A 412 -6.75 28.53 -14.56
CA PHE A 412 -6.14 29.86 -14.55
C PHE A 412 -5.81 30.37 -13.16
N PHE A 413 -4.52 30.59 -12.93
CA PHE A 413 -4.01 31.20 -11.70
C PHE A 413 -3.51 32.61 -11.98
N PRO A 414 -4.33 33.61 -11.66
CA PRO A 414 -4.00 35.02 -11.95
C PRO A 414 -2.65 35.49 -11.39
N GLN A 415 -2.31 35.07 -10.18
CA GLN A 415 -1.10 35.54 -9.52
C GLN A 415 0.18 34.87 -10.07
N VAL A 416 0.01 33.89 -10.92
CA VAL A 416 1.14 33.17 -11.48
C VAL A 416 1.66 33.88 -12.74
N ILE A 417 0.80 34.66 -13.39
CA ILE A 417 1.18 35.35 -14.62
C ILE A 417 2.32 36.36 -14.41
N PRO A 418 2.26 37.18 -13.34
CA PRO A 418 3.43 38.01 -13.04
C PRO A 418 4.65 37.18 -12.64
N PHE A 419 4.43 35.95 -12.18
CA PHE A 419 5.54 35.06 -11.82
C PHE A 419 6.22 34.52 -13.08
N LEU A 420 5.43 34.15 -14.09
CA LEU A 420 5.95 33.72 -15.39
C LEU A 420 6.73 34.83 -16.08
N LYS A 421 6.20 36.05 -15.98
CA LYS A 421 6.81 37.21 -16.61
C LYS A 421 8.13 37.55 -15.94
N ARG A 422 8.26 37.19 -14.67
CA ARG A 422 9.50 37.38 -13.94
C ARG A 422 10.45 36.20 -14.10
N GLY A 423 10.19 35.36 -15.09
CA GLY A 423 11.07 34.23 -15.41
C GLY A 423 10.86 33.00 -14.54
N GLY A 424 9.65 32.85 -14.00
CA GLY A 424 9.33 31.72 -13.15
C GLY A 424 8.58 30.61 -13.85
N THR A 425 8.65 29.42 -13.29
CA THR A 425 8.00 28.26 -13.87
C THR A 425 6.89 27.76 -12.95
N PHE A 426 5.68 27.60 -13.49
CA PHE A 426 4.61 27.00 -12.70
C PHE A 426 4.50 25.52 -13.04
N ILE A 427 4.32 24.73 -11.99
CA ILE A 427 4.26 23.28 -12.08
C ILE A 427 2.99 22.81 -11.39
N MET A 428 2.22 21.96 -12.07
CA MET A 428 1.03 21.38 -11.48
C MET A 428 1.17 19.87 -11.47
N ALA A 429 1.28 19.28 -10.28
CA ALA A 429 1.56 17.85 -10.17
C ALA A 429 0.29 17.01 -10.01
N ASN A 430 0.23 15.91 -10.75
CA ASN A 430 -0.91 15.01 -10.72
C ASN A 430 -0.64 13.80 -9.82
N LEU A 431 -0.82 14.02 -8.51
CA LEU A 431 -0.52 13.01 -7.50
C LEU A 431 -1.69 12.07 -7.32
N ARG A 432 -1.41 10.88 -6.78
CA ARG A 432 -2.49 9.94 -6.47
C ARG A 432 -3.43 10.57 -5.44
N GLY A 433 -4.63 10.01 -5.32
CA GLY A 433 -5.66 10.59 -4.47
C GLY A 433 -6.71 11.28 -5.32
N GLY A 434 -6.30 11.76 -6.48
CA GLY A 434 -7.23 12.41 -7.40
C GLY A 434 -7.81 11.39 -8.36
N SER A 435 -8.48 11.86 -9.42
CA SER A 435 -9.13 10.96 -10.37
C SER A 435 -8.48 10.93 -11.73
N GLU A 436 -7.22 11.35 -11.82
CA GLU A 436 -6.51 11.47 -13.09
C GLU A 436 -6.47 10.17 -13.89
N TYR A 437 -6.45 9.05 -13.18
CA TYR A 437 -6.34 7.74 -13.83
C TYR A 437 -7.38 6.75 -13.30
N GLY A 438 -8.51 7.28 -12.87
CA GLY A 438 -9.63 6.44 -12.48
C GLY A 438 -9.85 6.26 -10.99
N GLU A 439 -10.80 5.40 -10.65
CA GLU A 439 -11.23 5.20 -9.27
C GLU A 439 -10.12 4.59 -8.39
N GLU A 440 -9.26 3.76 -8.96
CA GLU A 440 -8.20 3.16 -8.14
C GLU A 440 -7.00 4.11 -8.00
N TRP A 441 -6.85 5.05 -8.93
CA TRP A 441 -5.86 6.11 -8.77
C TRP A 441 -6.22 6.93 -7.52
N HIS A 442 -7.52 7.08 -7.29
CA HIS A 442 -8.05 7.72 -6.08
C HIS A 442 -7.74 6.85 -4.84
N ARG A 443 -8.17 5.60 -4.86
CA ARG A 443 -8.02 4.68 -3.73
C ARG A 443 -6.58 4.54 -3.31
N ALA A 444 -5.67 4.79 -4.26
CA ALA A 444 -4.25 4.64 -4.00
C ALA A 444 -3.66 5.82 -3.23
N GLY A 445 -4.52 6.77 -2.85
CA GLY A 445 -4.10 7.86 -2.00
C GLY A 445 -4.94 7.95 -0.73
N MET A 446 -5.89 7.03 -0.58
CA MET A 446 -6.80 7.03 0.57
C MET A 446 -6.28 6.25 1.76
N ARG A 447 -6.66 6.68 2.96
CA ARG A 447 -6.34 5.93 4.17
C ARG A 447 -4.88 5.57 4.31
N GLU A 448 -4.62 4.28 4.42
CA GLU A 448 -3.28 3.77 4.58
C GLU A 448 -2.38 4.05 3.40
N ASN A 449 -2.95 4.50 2.30
CA ASN A 449 -2.16 4.79 1.11
C ASN A 449 -1.72 6.25 0.98
N LYS A 450 -2.12 7.10 1.91
CA LYS A 450 -1.87 8.55 1.82
C LYS A 450 -0.39 8.89 1.58
N GLN A 451 0.51 8.07 2.12
CA GLN A 451 1.95 8.31 1.98
C GLN A 451 2.37 8.27 0.51
N ASN A 452 1.58 7.59 -0.32
CA ASN A 452 1.79 7.59 -1.77
C ASN A 452 1.67 8.98 -2.36
N VAL A 453 0.64 9.71 -1.93
CA VAL A 453 0.47 11.11 -2.35
C VAL A 453 1.71 11.94 -2.05
N PHE A 454 2.24 11.75 -0.85
CA PHE A 454 3.44 12.47 -0.45
C PHE A 454 4.64 12.01 -1.29
N ASP A 455 4.76 10.69 -1.48
CA ASP A 455 5.87 10.15 -2.26
C ASP A 455 5.85 10.64 -3.70
N ASP A 456 4.66 10.73 -4.28
CA ASP A 456 4.49 11.27 -5.63
C ASP A 456 5.00 12.71 -5.72
N PHE A 457 4.70 13.49 -4.69
CA PHE A 457 5.01 14.92 -4.71
C PHE A 457 6.51 15.14 -4.55
N ILE A 458 7.11 14.42 -3.61
CA ILE A 458 8.55 14.45 -3.40
C ILE A 458 9.27 14.08 -4.70
N ALA A 459 8.74 13.08 -5.39
CA ALA A 459 9.30 12.63 -6.65
C ALA A 459 9.44 13.80 -7.62
N VAL A 460 8.42 14.65 -7.62
CA VAL A 460 8.40 15.80 -8.50
C VAL A 460 9.35 16.89 -8.02
N LEU A 461 9.28 17.21 -6.73
CA LEU A 461 10.14 18.26 -6.16
C LEU A 461 11.62 17.91 -6.30
N GLU A 462 11.95 16.66 -5.95
CA GLU A 462 13.32 16.18 -6.07
C GLU A 462 13.80 16.17 -7.53
N LYS A 463 12.87 15.93 -8.44
CA LYS A 463 13.23 15.93 -9.86
C LYS A 463 13.53 17.37 -10.29
N LEU A 464 12.65 18.30 -9.96
CA LEU A 464 12.90 19.72 -10.22
C LEU A 464 14.18 20.20 -9.55
N LYS A 465 14.41 19.73 -8.33
CA LYS A 465 15.61 20.06 -7.58
C LYS A 465 16.86 19.62 -8.34
N LYS A 466 16.84 18.39 -8.86
CA LYS A 466 18.00 17.85 -9.59
C LYS A 466 18.33 18.66 -10.83
N GLU A 467 17.31 19.33 -11.40
CA GLU A 467 17.48 20.08 -12.64
C GLU A 467 17.93 21.53 -12.44
N GLY A 468 18.19 21.90 -11.19
CA GLY A 468 18.70 23.23 -10.88
C GLY A 468 17.66 24.26 -10.44
N TYR A 469 16.42 23.82 -10.26
CA TYR A 469 15.37 24.73 -9.79
C TYR A 469 15.45 25.01 -8.30
N LYS A 470 15.20 26.26 -7.92
CA LYS A 470 14.79 26.58 -6.56
C LYS A 470 13.29 26.30 -6.50
N VAL A 471 12.85 25.68 -5.41
CA VAL A 471 11.50 25.13 -5.38
C VAL A 471 10.62 25.71 -4.27
N ALA A 472 9.41 26.15 -4.65
CA ALA A 472 8.40 26.55 -3.69
C ALA A 472 7.20 25.62 -3.78
N ALA A 473 6.97 24.84 -2.72
CA ALA A 473 5.87 23.89 -2.70
C ALA A 473 4.60 24.57 -2.20
N TRP A 474 3.48 24.31 -2.89
CA TRP A 474 2.25 25.03 -2.60
C TRP A 474 1.02 24.12 -2.68
N GLY A 475 0.10 24.33 -1.75
CA GLY A 475 -1.13 23.54 -1.68
C GLY A 475 -2.07 24.09 -0.64
N ARG A 476 -3.36 23.83 -0.82
CA ARG A 476 -4.43 24.35 0.03
C ARG A 476 -5.41 23.24 0.48
N CYS A 477 -5.86 23.34 1.72
CA CYS A 477 -6.72 22.33 2.35
C CYS A 477 -5.99 20.99 2.37
N ASN A 478 -6.58 19.98 1.73
CA ASN A 478 -5.89 18.71 1.55
C ASN A 478 -4.52 18.87 0.90
N GLY A 479 -4.37 19.94 0.13
CA GLY A 479 -3.07 20.34 -0.38
C GLY A 479 -2.20 20.97 0.69
N GLY A 480 -2.81 21.68 1.63
CA GLY A 480 -2.10 22.22 2.77
C GLY A 480 -1.52 21.09 3.61
N LEU A 481 -2.26 20.00 3.73
CA LEU A 481 -1.77 18.78 4.35
C LEU A 481 -0.60 18.20 3.55
N LEU A 482 -0.80 18.09 2.23
CA LEU A 482 0.26 17.68 1.31
C LEU A 482 1.58 18.39 1.57
N VAL A 483 1.55 19.72 1.67
CA VAL A 483 2.79 20.48 1.77
C VAL A 483 3.38 20.44 3.18
N SER A 484 2.52 20.47 4.19
CA SER A 484 2.98 20.31 5.57
C SER A 484 3.63 18.94 5.79
N ALA A 485 2.98 17.88 5.31
CA ALA A 485 3.51 16.52 5.45
C ALA A 485 4.80 16.29 4.65
N THR A 486 4.86 16.83 3.43
CA THR A 486 6.08 16.71 2.64
C THR A 486 7.19 17.54 3.28
N LEU A 487 6.81 18.63 3.95
CA LEU A 487 7.75 19.48 4.66
C LEU A 487 8.41 18.73 5.82
N THR A 488 7.60 18.12 6.67
CA THR A 488 8.14 17.44 7.85
C THR A 488 9.04 16.26 7.48
N GLN A 489 8.82 15.67 6.30
CA GLN A 489 9.57 14.49 5.88
C GLN A 489 10.80 14.77 5.02
N ARG A 490 10.68 15.71 4.09
CA ARG A 490 11.78 16.02 3.19
C ARG A 490 11.94 17.53 2.99
N PRO A 491 12.26 18.27 4.08
CA PRO A 491 12.43 19.72 3.94
C PRO A 491 13.54 20.09 2.95
N ASP A 492 14.41 19.13 2.66
CA ASP A 492 15.53 19.33 1.75
C ASP A 492 15.09 19.45 0.28
N VAL A 493 13.88 19.01 -0.04
CA VAL A 493 13.44 19.07 -1.43
C VAL A 493 12.72 20.39 -1.77
N MET A 494 12.72 21.34 -0.84
CA MET A 494 12.05 22.62 -1.11
C MET A 494 12.73 23.83 -0.46
N ASP A 495 12.79 24.93 -1.20
CA ASP A 495 13.43 26.16 -0.72
C ASP A 495 12.44 27.08 0.00
N SER A 496 11.15 26.81 -0.17
CA SER A 496 10.12 27.42 0.68
C SER A 496 8.83 26.62 0.60
N ALA A 497 7.97 26.84 1.58
CA ALA A 497 6.70 26.13 1.65
C ALA A 497 5.55 27.14 1.82
N LEU A 498 4.48 26.93 1.07
CA LEU A 498 3.24 27.72 1.23
C LEU A 498 2.09 26.79 1.57
N ILE A 499 1.58 26.91 2.78
CA ILE A 499 0.61 25.98 3.33
C ILE A 499 -0.73 26.67 3.62
N GLY A 500 -1.73 26.36 2.80
CA GLY A 500 -2.98 27.08 2.86
C GLY A 500 -4.12 26.31 3.46
N TYR A 501 -4.91 27.04 4.25
CA TYR A 501 -6.13 26.54 4.91
C TYR A 501 -6.09 25.04 5.18
N PRO A 502 -5.08 24.59 5.93
CA PRO A 502 -4.65 23.19 5.91
C PRO A 502 -5.32 22.29 6.95
N VAL A 503 -5.36 20.99 6.67
CA VAL A 503 -5.64 20.02 7.72
C VAL A 503 -4.28 19.56 8.20
N ILE A 504 -4.07 19.63 9.50
CA ILE A 504 -2.75 19.36 10.08
C ILE A 504 -2.80 18.25 11.13
N ASP A 505 -3.77 18.34 12.02
CA ASP A 505 -3.93 17.39 13.11
C ASP A 505 -4.76 16.19 12.64
N MET A 506 -4.09 15.09 12.29
CA MET A 506 -4.77 13.93 11.73
C MET A 506 -5.45 13.06 12.78
N LEU A 507 -5.22 13.35 14.05
CA LEU A 507 -5.87 12.59 15.12
C LEU A 507 -7.13 13.31 15.62
N ARG A 508 -7.25 14.60 15.33
CA ARG A 508 -8.40 15.36 15.81
C ARG A 508 -9.14 16.11 14.71
N PHE A 509 -8.88 15.79 13.45
CA PHE A 509 -9.54 16.50 12.36
C PHE A 509 -11.06 16.27 12.34
N HIS A 510 -11.50 15.13 12.85
CA HIS A 510 -12.91 14.76 12.81
C HIS A 510 -13.77 15.48 13.85
N LYS A 511 -13.13 16.10 14.85
CA LYS A 511 -13.85 16.80 15.91
C LYS A 511 -14.10 18.28 15.58
N LEU A 512 -13.47 18.75 14.52
CA LEU A 512 -13.55 20.13 14.16
C LEU A 512 -14.38 20.49 12.95
N TYR A 513 -15.36 21.35 13.17
CA TYR A 513 -16.25 21.78 12.14
C TYR A 513 -16.79 20.50 11.51
N ILE A 514 -16.80 20.46 10.21
CA ILE A 514 -17.28 19.33 9.50
C ILE A 514 -16.24 18.27 9.10
N GLY A 515 -15.11 18.23 9.82
CA GLY A 515 -13.99 17.38 9.46
C GLY A 515 -14.30 15.89 9.36
N SER A 516 -15.33 15.46 10.08
CA SER A 516 -15.72 14.05 10.08
C SER A 516 -16.07 13.58 8.67
N VAL A 517 -16.46 14.53 7.83
CA VAL A 517 -16.78 14.27 6.44
C VAL A 517 -15.59 13.70 5.67
N TRP A 518 -14.38 13.95 6.17
CA TRP A 518 -13.17 13.50 5.50
C TRP A 518 -12.71 12.11 5.93
N ILE A 519 -13.37 11.53 6.93
CA ILE A 519 -13.01 10.19 7.43
C ILE A 519 -12.91 9.08 6.37
N PRO A 520 -13.86 9.04 5.40
CA PRO A 520 -13.67 8.02 4.35
C PRO A 520 -12.37 8.20 3.56
N GLU A 521 -11.85 9.41 3.52
CA GLU A 521 -10.65 9.72 2.75
C GLU A 521 -9.38 9.43 3.53
N TYR A 522 -9.38 9.85 4.81
CA TYR A 522 -8.18 9.82 5.63
C TYR A 522 -8.05 8.64 6.57
N GLY A 523 -9.19 8.19 7.10
CA GLY A 523 -9.20 7.18 8.14
C GLY A 523 -9.91 7.71 9.37
N ASN A 524 -10.13 6.83 10.35
CA ASN A 524 -10.85 7.17 11.57
C ASN A 524 -9.95 7.18 12.79
N PRO A 525 -9.68 8.38 13.35
CA PRO A 525 -8.78 8.53 14.50
C PRO A 525 -9.30 7.88 15.78
N GLU A 526 -10.56 7.42 15.77
CA GLU A 526 -11.13 6.73 16.91
C GLU A 526 -10.79 5.24 16.90
N ASP A 527 -10.23 4.80 15.79
CA ASP A 527 -9.84 3.39 15.60
C ASP A 527 -8.32 3.29 15.64
N PRO A 528 -7.78 2.59 16.65
CA PRO A 528 -6.33 2.48 16.86
C PRO A 528 -5.57 1.97 15.62
N LYS A 529 -6.21 1.18 14.76
CA LYS A 529 -5.54 0.66 13.58
C LYS A 529 -5.39 1.76 12.52
N ASP A 530 -6.28 2.74 12.54
CA ASP A 530 -6.17 3.88 11.63
C ASP A 530 -5.14 4.87 12.14
N ARG A 531 -5.07 5.02 13.46
CA ARG A 531 -4.12 5.93 14.06
C ARG A 531 -2.69 5.53 13.72
N GLU A 532 -2.46 4.23 13.55
CA GLU A 532 -1.12 3.74 13.28
C GLU A 532 -0.57 4.20 11.94
N PHE A 533 -1.39 4.30 10.90
CA PHE A 533 -0.87 4.86 9.66
C PHE A 533 -1.04 6.37 9.67
N LEU A 534 -2.02 6.86 10.43
CA LEU A 534 -2.23 8.30 10.54
C LEU A 534 -1.08 8.95 11.30
N LEU A 535 -0.61 8.29 12.35
CA LEU A 535 0.44 8.84 13.19
C LEU A 535 1.79 8.84 12.47
N LYS A 536 1.91 8.05 11.42
CA LYS A 536 3.18 7.96 10.69
C LYS A 536 3.47 9.20 9.86
N TYR A 537 2.44 9.87 9.35
CA TYR A 537 2.65 11.06 8.52
C TYR A 537 2.06 12.36 9.09
N SER A 538 1.21 12.26 10.11
CA SER A 538 0.54 13.43 10.70
C SER A 538 1.53 14.56 10.98
N PRO A 539 1.40 15.66 10.23
CA PRO A 539 2.34 16.81 10.31
C PRO A 539 2.46 17.36 11.71
N TYR A 540 1.34 17.45 12.41
CA TYR A 540 1.31 17.96 13.77
C TYR A 540 2.14 17.10 14.72
N HIS A 541 2.32 15.83 14.35
CA HIS A 541 2.99 14.87 15.21
C HIS A 541 4.37 14.45 14.71
N ASN A 542 4.82 15.06 13.61
CA ASN A 542 6.04 14.59 12.98
C ASN A 542 7.06 15.67 12.65
N VAL A 543 6.94 16.83 13.31
CA VAL A 543 7.93 17.89 13.19
C VAL A 543 9.24 17.43 13.83
N ASP A 544 10.26 17.27 13.00
CA ASP A 544 11.56 16.75 13.46
C ASP A 544 12.41 17.88 14.04
N PRO A 545 12.70 17.80 15.34
CA PRO A 545 13.40 18.87 16.08
C PRO A 545 14.83 19.13 15.59
N LYS A 546 15.42 18.16 14.90
CA LYS A 546 16.82 18.29 14.50
C LYS A 546 16.99 18.53 13.01
N LYS A 547 15.89 18.58 12.28
CA LYS A 547 15.93 18.96 10.86
C LYS A 547 15.92 20.47 10.72
N LYS A 548 16.55 20.98 9.67
CA LYS A 548 16.57 22.42 9.41
C LYS A 548 15.63 22.79 8.27
N TYR A 549 14.70 23.71 8.52
CA TYR A 549 13.58 23.95 7.60
C TYR A 549 13.64 25.23 6.77
N PRO A 550 13.03 25.21 5.56
CA PRO A 550 12.98 26.40 4.69
C PRO A 550 11.93 27.39 5.15
N PRO A 551 11.98 28.64 4.62
CA PRO A 551 10.92 29.60 4.92
C PRO A 551 9.55 29.01 4.62
N THR A 552 8.66 29.10 5.58
CA THR A 552 7.36 28.43 5.50
C THR A 552 6.22 29.38 5.82
N LEU A 553 5.29 29.51 4.88
CA LEU A 553 4.11 30.33 5.11
C LEU A 553 2.86 29.47 5.27
N ILE A 554 2.33 29.51 6.48
CA ILE A 554 1.01 28.98 6.77
C ILE A 554 0.00 30.11 6.63
N TYR A 555 -1.08 29.87 5.90
CA TYR A 555 -2.11 30.90 5.77
C TYR A 555 -3.52 30.34 5.85
N THR A 556 -4.40 31.09 6.49
CA THR A 556 -5.78 30.68 6.73
C THR A 556 -6.68 31.89 6.97
N GLY A 557 -7.95 31.64 7.27
CA GLY A 557 -8.89 32.71 7.53
C GLY A 557 -9.55 32.49 8.89
N LEU A 558 -9.76 33.58 9.63
CA LEU A 558 -10.30 33.48 10.98
C LEU A 558 -11.74 32.95 11.00
N HIS A 559 -12.53 33.35 10.01
CA HIS A 559 -13.93 32.95 9.97
C HIS A 559 -14.19 31.92 8.87
N ASP A 560 -13.14 31.21 8.47
CA ASP A 560 -13.29 30.04 7.63
C ASP A 560 -14.01 28.94 8.41
N ASP A 561 -15.17 28.53 7.91
CA ASP A 561 -16.05 27.66 8.69
C ASP A 561 -16.09 26.22 8.20
N ARG A 562 -15.14 25.84 7.36
CA ARG A 562 -15.04 24.48 6.86
C ARG A 562 -13.77 23.85 7.38
N VAL A 563 -12.64 24.45 7.10
CA VAL A 563 -11.35 23.97 7.60
C VAL A 563 -10.87 24.80 8.79
N HIS A 564 -10.99 24.22 9.98
CA HIS A 564 -10.69 24.90 11.22
C HIS A 564 -9.27 25.47 11.24
N PRO A 565 -9.15 26.77 11.53
CA PRO A 565 -7.86 27.48 11.57
C PRO A 565 -6.90 26.90 12.59
N ALA A 566 -7.43 26.26 13.64
CA ALA A 566 -6.60 25.69 14.70
C ALA A 566 -5.56 24.72 14.13
N HIS A 567 -5.87 24.11 12.98
CA HIS A 567 -4.90 23.25 12.32
C HIS A 567 -3.68 24.09 11.99
N ALA A 568 -3.92 25.25 11.38
CA ALA A 568 -2.85 26.16 11.02
C ALA A 568 -2.08 26.60 12.27
N LEU A 569 -2.82 27.06 13.28
CA LEU A 569 -2.24 27.56 14.51
C LEU A 569 -1.36 26.54 15.21
N LYS A 570 -1.85 25.30 15.29
CA LYS A 570 -1.12 24.20 15.92
C LYS A 570 0.20 23.89 15.20
N PHE A 571 0.17 23.86 13.88
CA PHE A 571 1.36 23.51 13.10
C PHE A 571 2.39 24.62 13.19
N PHE A 572 1.89 25.85 13.12
CA PHE A 572 2.72 27.04 13.30
C PHE A 572 3.52 26.94 14.60
N MET A 573 2.83 26.62 15.69
CA MET A 573 3.44 26.51 17.01
C MET A 573 4.51 25.42 17.05
N LYS A 574 4.23 24.30 16.40
CA LYS A 574 5.16 23.17 16.38
C LYS A 574 6.44 23.53 15.62
N LEU A 575 6.30 24.23 14.50
CA LEU A 575 7.47 24.74 13.78
C LEU A 575 8.21 25.79 14.61
N LYS A 576 7.44 26.64 15.29
CA LYS A 576 8.00 27.73 16.09
C LYS A 576 8.75 27.20 17.30
N GLU A 577 8.31 26.06 17.82
CA GLU A 577 8.96 25.43 18.97
C GLU A 577 10.41 25.10 18.68
N ILE A 578 10.67 24.60 17.47
CA ILE A 578 12.00 24.16 17.08
C ILE A 578 12.73 25.24 16.31
N GLY A 579 12.15 26.43 16.26
CA GLY A 579 12.81 27.58 15.67
C GLY A 579 12.91 27.57 14.15
N ALA A 580 11.92 26.97 13.50
CA ALA A 580 11.84 27.04 12.04
C ALA A 580 11.51 28.46 11.61
N PRO A 581 11.94 28.85 10.40
CA PRO A 581 11.59 30.19 9.89
C PRO A 581 10.15 30.24 9.35
N VAL A 582 9.18 30.30 10.24
CA VAL A 582 7.79 30.17 9.84
C VAL A 582 7.04 31.49 9.99
N TYR A 583 6.09 31.71 9.09
CA TYR A 583 5.22 32.87 9.14
C TYR A 583 3.79 32.38 9.19
N LEU A 584 2.90 33.23 9.69
CA LEU A 584 1.48 32.87 9.80
C LEU A 584 0.61 34.01 9.31
N ARG A 585 -0.21 33.76 8.29
CA ARG A 585 -1.12 34.77 7.76
C ARG A 585 -2.57 34.36 8.03
N VAL A 586 -3.30 35.23 8.72
CA VAL A 586 -4.69 34.94 9.04
C VAL A 586 -5.59 36.05 8.54
N GLU A 587 -6.34 35.75 7.49
CA GLU A 587 -7.31 36.67 6.92
C GLU A 587 -8.34 37.07 7.96
N THR A 588 -8.60 38.36 8.08
CA THR A 588 -9.57 38.87 9.03
C THR A 588 -10.98 38.98 8.46
N LYS A 589 -11.12 38.86 7.15
CA LYS A 589 -12.44 39.06 6.54
C LYS A 589 -13.34 37.84 6.60
N SER A 590 -14.53 37.99 7.13
CA SER A 590 -15.43 36.87 7.38
C SER A 590 -16.39 36.56 6.25
N GLY A 591 -17.51 35.94 6.60
CA GLY A 591 -18.60 35.70 5.69
C GLY A 591 -18.07 34.57 4.84
N HIS A 592 -18.42 34.51 3.57
CA HIS A 592 -17.92 33.45 2.70
C HIS A 592 -16.39 33.57 2.47
N MET A 593 -15.75 32.46 2.11
CA MET A 593 -14.31 32.31 2.00
C MET A 593 -13.69 33.45 1.21
N GLY A 594 -14.38 33.94 0.17
CA GLY A 594 -13.83 35.06 -0.63
C GLY A 594 -14.60 36.28 -0.19
N ALA A 595 -14.01 37.08 0.68
CA ALA A 595 -14.72 38.23 1.22
C ALA A 595 -15.28 39.20 0.18
N SER A 596 -14.39 39.47 -0.76
CA SER A 596 -14.56 40.32 -1.91
C SER A 596 -13.48 39.91 -2.92
N PRO A 597 -13.62 40.37 -4.17
CA PRO A 597 -12.60 40.00 -5.15
C PRO A 597 -11.23 40.53 -4.73
N GLU A 598 -11.21 41.71 -4.12
CA GLU A 598 -9.98 42.38 -3.74
C GLU A 598 -9.24 41.79 -2.55
N THR A 599 -9.95 41.31 -1.57
CA THR A 599 -9.32 40.76 -0.40
C THR A 599 -8.62 39.48 -0.82
N ARG A 600 -9.32 38.64 -1.57
CA ARG A 600 -8.77 37.41 -2.10
C ARG A 600 -7.56 37.75 -2.97
N ALA A 601 -7.73 38.70 -3.87
CA ALA A 601 -6.68 39.16 -4.76
C ALA A 601 -5.42 39.54 -3.99
N ARG A 602 -5.60 40.24 -2.89
CA ARG A 602 -4.48 40.65 -2.07
C ARG A 602 -3.76 39.50 -1.39
N GLU A 603 -4.51 38.45 -1.09
CA GLU A 603 -3.95 37.27 -0.44
C GLU A 603 -3.08 36.47 -1.41
N LEU A 604 -3.62 36.23 -2.60
CA LEU A 604 -2.85 35.64 -3.70
C LEU A 604 -1.56 36.42 -3.98
N THR A 605 -1.63 37.74 -3.88
CA THR A 605 -0.46 38.60 -4.09
C THR A 605 0.61 38.33 -3.02
N ASP A 606 0.20 38.25 -1.76
CA ASP A 606 1.10 37.89 -0.68
C ASP A 606 1.81 36.55 -0.93
N LEU A 607 1.08 35.61 -1.51
CA LEU A 607 1.64 34.31 -1.86
C LEU A 607 2.78 34.49 -2.86
N LEU A 608 2.46 35.11 -3.99
CA LEU A 608 3.45 35.47 -5.00
C LEU A 608 4.64 36.21 -4.39
N ALA A 609 4.36 37.17 -3.51
CA ALA A 609 5.40 37.94 -2.83
C ALA A 609 6.30 37.07 -1.96
N PHE A 610 5.71 36.09 -1.28
CA PHE A 610 6.47 35.16 -0.45
C PHE A 610 7.34 34.27 -1.34
N VAL A 611 6.78 33.78 -2.45
CA VAL A 611 7.55 32.98 -3.41
C VAL A 611 8.73 33.76 -3.97
N LEU A 612 8.47 34.95 -4.51
CA LEU A 612 9.51 35.76 -5.12
C LEU A 612 10.64 36.09 -4.14
N LYS A 613 10.27 36.43 -2.91
CA LYS A 613 11.24 36.83 -1.90
C LYS A 613 12.10 35.65 -1.43
N THR A 614 11.46 34.50 -1.22
CA THR A 614 12.16 33.34 -0.67
C THR A 614 12.89 32.49 -1.71
N LEU A 615 12.54 32.64 -2.98
CA LEU A 615 13.23 31.90 -4.05
C LEU A 615 14.40 32.68 -4.66
N SER A 616 14.47 33.98 -4.36
CA SER A 616 15.53 34.84 -4.86
C SER A 616 16.91 34.36 -4.41
N MET B 1 14.98 -7.63 -24.39
CA MET B 1 15.90 -6.71 -23.73
C MET B 1 17.30 -7.29 -23.83
N GLU B 2 18.32 -6.50 -23.51
CA GLU B 2 19.70 -6.91 -23.73
C GLU B 2 20.38 -7.24 -22.40
N ASP B 3 21.56 -7.84 -22.47
CA ASP B 3 22.30 -8.21 -21.31
C ASP B 3 23.73 -8.51 -21.73
N PRO B 4 24.66 -7.69 -21.28
CA PRO B 4 26.06 -7.86 -21.68
C PRO B 4 26.70 -9.16 -21.18
N TYR B 5 26.28 -9.63 -20.01
CA TYR B 5 26.90 -10.82 -19.42
C TYR B 5 25.93 -12.00 -19.38
N ILE B 6 24.98 -12.01 -20.31
CA ILE B 6 24.00 -13.10 -20.37
C ILE B 6 24.67 -14.43 -20.71
N TRP B 7 25.89 -14.37 -21.23
CA TRP B 7 26.61 -15.59 -21.59
C TRP B 7 27.02 -16.36 -20.34
N MET B 8 26.91 -15.72 -19.18
CA MET B 8 27.32 -16.33 -17.93
C MET B 8 26.25 -17.25 -17.35
N GLU B 9 25.05 -17.21 -17.92
CA GLU B 9 23.95 -18.04 -17.45
C GLU B 9 24.18 -19.49 -17.86
N ASN B 10 25.05 -19.68 -18.86
CA ASN B 10 25.55 -20.99 -19.21
C ASN B 10 26.78 -21.31 -18.37
N LEU B 11 26.62 -22.19 -17.40
CA LEU B 11 27.67 -22.47 -16.42
C LEU B 11 28.66 -23.52 -16.90
N GLU B 12 28.51 -23.97 -18.15
CA GLU B 12 29.45 -24.89 -18.76
C GLU B 12 30.53 -24.14 -19.55
N ASP B 13 30.25 -22.86 -19.81
CA ASP B 13 31.16 -21.97 -20.54
C ASP B 13 32.52 -21.90 -19.83
N GLU B 14 33.59 -22.20 -20.57
CA GLU B 14 34.93 -22.27 -19.98
C GLU B 14 35.43 -20.89 -19.55
N ARG B 15 34.83 -19.83 -20.09
CA ARG B 15 35.09 -18.48 -19.60
C ARG B 15 34.53 -18.31 -18.18
N VAL B 16 33.33 -18.87 -17.95
CA VAL B 16 32.72 -18.82 -16.62
C VAL B 16 33.54 -19.61 -15.61
N LEU B 17 33.87 -20.85 -15.95
CA LEU B 17 34.69 -21.69 -15.10
C LEU B 17 36.09 -21.08 -14.87
N LYS B 18 36.59 -20.34 -15.86
CA LYS B 18 37.86 -19.66 -15.67
C LYS B 18 37.77 -18.50 -14.66
N ILE B 19 36.70 -17.73 -14.75
CA ILE B 19 36.48 -16.63 -13.80
C ILE B 19 36.30 -17.18 -12.38
N ILE B 20 35.52 -18.26 -12.25
CA ILE B 20 35.27 -18.89 -10.96
C ILE B 20 36.56 -19.32 -10.27
N GLU B 21 37.42 -20.04 -11.00
CA GLU B 21 38.66 -20.54 -10.44
C GLU B 21 39.61 -19.42 -10.02
N GLU B 22 39.70 -18.38 -10.85
CA GLU B 22 40.59 -17.24 -10.60
C GLU B 22 40.17 -16.42 -9.39
N GLU B 23 38.88 -16.17 -9.27
CA GLU B 23 38.35 -15.37 -8.17
C GLU B 23 38.33 -16.12 -6.84
N ASN B 24 38.14 -17.43 -6.89
CA ASN B 24 38.26 -18.23 -5.69
C ASN B 24 39.70 -18.15 -5.18
N LYS B 25 40.63 -18.18 -6.12
CA LYS B 25 42.05 -18.05 -5.84
C LYS B 25 42.35 -16.69 -5.21
N ARG B 26 41.83 -15.65 -5.84
CA ARG B 26 42.06 -14.28 -5.39
C ARG B 26 41.45 -14.04 -4.01
N PHE B 27 40.22 -14.51 -3.83
CA PHE B 27 39.54 -14.39 -2.57
C PHE B 27 40.26 -15.16 -1.48
N ARG B 28 40.84 -16.30 -1.86
CA ARG B 28 41.54 -17.15 -0.92
C ARG B 28 42.79 -16.46 -0.38
N GLU B 29 43.55 -15.81 -1.24
CA GLU B 29 44.76 -15.14 -0.77
C GLU B 29 44.38 -13.85 -0.05
N PHE B 30 43.11 -13.45 -0.15
CA PHE B 30 42.62 -12.29 0.59
C PHE B 30 42.29 -12.63 2.07
N ILE B 31 41.63 -13.76 2.31
CA ILE B 31 41.23 -14.11 3.68
C ILE B 31 41.59 -15.53 4.11
N GLY B 32 42.37 -16.23 3.31
CA GLY B 32 42.75 -17.61 3.62
C GLY B 32 43.48 -17.76 4.94
N GLU B 33 44.49 -16.92 5.17
CA GLU B 33 45.29 -16.96 6.38
C GLU B 33 44.43 -16.73 7.63
N LEU B 34 43.47 -15.81 7.52
CA LEU B 34 42.61 -15.45 8.62
C LEU B 34 41.56 -16.53 8.79
N SER B 35 41.07 -17.05 7.68
CA SER B 35 40.07 -18.12 7.70
C SER B 35 40.64 -19.38 8.35
N ASP B 36 41.93 -19.64 8.14
CA ASP B 36 42.56 -20.81 8.74
C ASP B 36 42.68 -20.67 10.26
N LYS B 37 42.96 -19.46 10.73
CA LYS B 37 43.02 -19.22 12.15
C LYS B 37 41.65 -19.37 12.80
N LEU B 38 40.64 -18.73 12.21
CA LEU B 38 39.30 -18.69 12.79
C LEU B 38 38.58 -20.04 12.73
N PHE B 39 38.96 -20.87 11.78
CA PHE B 39 38.20 -22.09 11.50
C PHE B 39 38.02 -23.03 12.71
N PRO B 40 39.08 -23.28 13.51
CA PRO B 40 38.88 -24.11 14.70
C PRO B 40 37.80 -23.59 15.67
N GLU B 41 37.73 -22.27 15.87
CA GLU B 41 36.67 -21.73 16.73
C GLU B 41 35.29 -21.93 16.11
N VAL B 42 35.20 -21.69 14.81
CA VAL B 42 33.94 -21.83 14.11
C VAL B 42 33.54 -23.30 14.06
N TRP B 43 34.52 -24.17 13.79
CA TRP B 43 34.29 -25.60 13.75
C TRP B 43 33.80 -26.10 15.10
N GLU B 44 34.34 -25.54 16.18
CA GLU B 44 33.91 -25.90 17.52
C GLU B 44 32.41 -25.63 17.72
N GLN B 45 31.98 -24.44 17.35
CA GLN B 45 30.57 -24.07 17.47
C GLN B 45 29.68 -24.85 16.51
N PHE B 46 30.17 -25.05 15.29
CA PHE B 46 29.39 -25.71 14.24
C PHE B 46 29.15 -27.18 14.53
N SER B 47 30.22 -27.88 14.93
CA SER B 47 30.20 -29.35 14.98
C SER B 47 29.54 -29.96 16.23
N GLN B 48 29.48 -29.18 17.31
CA GLN B 48 28.95 -29.71 18.57
C GLN B 48 27.47 -30.11 18.44
N PRO B 49 26.99 -31.03 19.30
CA PRO B 49 25.66 -31.62 19.16
C PRO B 49 24.52 -30.62 18.99
N THR B 50 23.60 -30.93 18.09
CA THR B 50 22.41 -30.11 17.89
C THR B 50 21.23 -31.02 17.59
N ILE B 51 20.20 -30.93 18.42
CA ILE B 51 19.03 -31.78 18.25
C ILE B 51 18.29 -31.41 16.96
N GLY B 52 17.54 -32.38 16.43
CA GLY B 52 16.76 -32.17 15.23
C GLY B 52 15.29 -32.48 15.49
N MET B 53 14.89 -33.70 15.20
CA MET B 53 13.52 -34.15 15.42
C MET B 53 13.44 -35.05 16.65
N ALA B 54 12.30 -35.01 17.34
CA ALA B 54 12.09 -35.91 18.46
C ALA B 54 10.71 -36.52 18.37
N ARG B 55 10.63 -37.82 18.66
CA ARG B 55 9.35 -38.52 18.79
C ARG B 55 9.16 -39.03 20.22
N ILE B 56 7.91 -38.99 20.68
CA ILE B 56 7.53 -39.59 21.96
C ILE B 56 7.08 -41.03 21.76
N THR B 57 7.73 -41.96 22.46
CA THR B 57 7.25 -43.35 22.49
C THR B 57 6.98 -43.74 23.94
N LYS B 58 6.35 -44.89 24.15
CA LYS B 58 6.04 -45.32 25.51
C LYS B 58 7.29 -45.82 26.21
N LYS B 59 8.27 -46.26 25.42
CA LYS B 59 9.53 -46.74 25.97
C LYS B 59 10.53 -45.61 26.16
N GLY B 60 10.16 -44.41 25.73
CA GLY B 60 11.00 -43.24 25.90
C GLY B 60 11.11 -42.38 24.66
N ILE B 61 11.74 -41.22 24.81
CA ILE B 61 11.91 -40.31 23.69
C ILE B 61 13.01 -40.80 22.74
N ILE B 62 12.75 -40.69 21.44
CA ILE B 62 13.75 -40.93 20.42
C ILE B 62 13.97 -39.64 19.65
N ALA B 63 15.22 -39.19 19.61
CA ALA B 63 15.57 -37.94 18.95
C ALA B 63 16.75 -38.11 18.01
N SER B 64 16.87 -37.18 17.06
CA SER B 64 18.05 -37.13 16.20
C SER B 64 18.95 -35.97 16.60
N TYR B 65 20.22 -36.08 16.22
CA TYR B 65 21.23 -35.07 16.54
C TYR B 65 22.24 -34.96 15.42
N SER B 66 22.67 -33.74 15.15
CA SER B 66 23.85 -33.52 14.32
C SER B 66 25.06 -33.37 15.24
N GLU B 67 26.12 -34.11 14.94
CA GLU B 67 27.35 -34.03 15.71
C GLU B 67 28.52 -34.28 14.78
N LYS B 68 29.57 -33.48 14.88
CA LYS B 68 30.74 -33.69 14.05
C LYS B 68 30.35 -33.78 12.59
N ASP B 69 30.69 -34.88 11.93
CA ASP B 69 30.29 -35.09 10.56
C ASP B 69 29.27 -36.20 10.48
N ARG B 70 28.60 -36.45 11.59
CA ARG B 70 27.69 -37.59 11.70
C ARG B 70 26.31 -37.17 12.19
N VAL B 71 25.26 -37.75 11.63
CA VAL B 71 23.90 -37.52 12.13
C VAL B 71 23.36 -38.78 12.79
N VAL B 72 22.90 -38.65 14.02
CA VAL B 72 22.51 -39.79 14.82
C VAL B 72 21.01 -39.83 15.07
N ILE B 73 20.41 -41.01 15.00
CA ILE B 73 19.10 -41.22 15.60
C ILE B 73 19.26 -42.14 16.81
N LYS B 74 18.98 -41.62 18.00
CA LYS B 74 19.23 -42.36 19.24
C LYS B 74 18.09 -42.30 20.23
N TRP B 75 18.07 -43.27 21.13
CA TRP B 75 17.24 -43.18 22.31
C TRP B 75 17.69 -41.97 23.09
N PHE B 76 16.73 -41.15 23.52
CA PHE B 76 17.05 -39.91 24.23
C PHE B 76 18.02 -40.15 25.38
N ASN B 77 17.88 -41.29 26.06
CA ASN B 77 18.75 -41.62 27.18
C ASN B 77 19.52 -42.92 26.97
N GLY B 78 19.56 -43.42 25.75
CA GLY B 78 20.17 -44.71 25.50
C GLY B 78 21.18 -44.76 24.37
N ASP B 79 21.21 -45.90 23.70
CA ASP B 79 22.13 -46.15 22.61
C ASP B 79 21.77 -45.35 21.37
N VAL B 80 22.66 -45.36 20.39
CA VAL B 80 22.35 -44.89 19.05
C VAL B 80 21.59 -45.98 18.30
N ILE B 81 20.50 -45.60 17.64
CA ILE B 81 19.71 -46.56 16.86
C ILE B 81 20.16 -46.57 15.42
N VAL B 82 20.26 -45.38 14.84
CA VAL B 82 20.66 -45.22 13.45
C VAL B 82 21.86 -44.29 13.36
N ASP B 83 22.83 -44.66 12.54
CA ASP B 83 24.04 -43.87 12.40
C ASP B 83 24.22 -43.43 10.96
N SER B 84 24.53 -42.15 10.76
CA SER B 84 24.74 -41.65 9.41
C SER B 84 25.97 -42.29 8.79
N LYS B 85 27.03 -42.44 9.58
CA LYS B 85 28.33 -42.86 9.02
C LYS B 85 28.45 -44.35 8.77
N GLU B 86 27.85 -45.18 9.62
CA GLU B 86 27.87 -46.61 9.38
C GLU B 86 26.87 -46.94 8.29
N LEU B 87 26.05 -45.96 7.93
CA LEU B 87 25.15 -46.06 6.78
C LEU B 87 25.91 -45.73 5.50
N GLU B 88 27.05 -45.06 5.64
CA GLU B 88 27.82 -44.61 4.49
C GLU B 88 28.80 -45.71 4.07
N ARG B 89 29.20 -46.55 5.01
CA ARG B 89 30.08 -47.67 4.70
C ARG B 89 29.26 -48.80 4.11
N GLU B 90 27.93 -48.71 4.29
CA GLU B 90 27.02 -49.69 3.72
C GLU B 90 26.71 -49.37 2.25
N VAL B 91 26.95 -48.12 1.85
CA VAL B 91 26.65 -47.69 0.48
C VAL B 91 27.89 -47.13 -0.24
N GLY B 92 28.96 -46.91 0.51
CA GLY B 92 30.20 -46.41 -0.08
C GLY B 92 30.20 -44.89 -0.26
N ASP B 93 29.20 -44.40 -0.97
CA ASP B 93 29.02 -42.96 -1.14
C ASP B 93 28.36 -42.39 0.10
N GLU B 94 28.49 -41.08 0.29
CA GLU B 94 28.04 -40.45 1.52
C GLU B 94 26.50 -40.38 1.58
N VAL B 95 25.98 -40.32 2.79
CA VAL B 95 24.55 -40.38 3.02
C VAL B 95 24.03 -39.11 3.70
N LEU B 96 22.82 -38.70 3.33
CA LEU B 96 22.14 -37.60 4.02
C LEU B 96 20.92 -38.12 4.80
N LEU B 97 21.06 -38.19 6.13
CA LEU B 97 19.93 -38.53 6.99
C LEU B 97 18.97 -37.35 7.06
N GLN B 98 17.74 -37.57 6.63
CA GLN B 98 16.77 -36.49 6.51
C GLN B 98 15.78 -36.42 7.67
N GLY B 99 14.92 -37.42 7.80
CA GLY B 99 13.92 -37.42 8.86
C GLY B 99 13.47 -38.81 9.27
N PHE B 100 12.69 -38.89 10.35
CA PHE B 100 12.19 -40.17 10.83
C PHE B 100 10.90 -40.01 11.63
N THR B 101 10.26 -41.13 11.94
CA THR B 101 9.12 -41.15 12.84
C THR B 101 9.04 -42.52 13.51
N THR B 102 8.20 -42.63 14.55
CA THR B 102 8.04 -43.89 15.25
C THR B 102 6.57 -44.15 15.56
N ASP B 103 6.27 -45.37 16.00
CA ASP B 103 4.95 -45.64 16.58
C ASP B 103 4.94 -45.18 18.03
N GLU B 104 3.74 -45.03 18.60
CA GLU B 104 3.61 -44.57 19.98
C GLU B 104 4.23 -45.57 20.96
N GLU B 105 4.24 -46.85 20.57
CA GLU B 105 4.73 -47.93 21.41
C GLU B 105 6.27 -47.93 21.56
N GLY B 106 6.98 -47.73 20.45
CA GLY B 106 8.43 -47.77 20.45
C GLY B 106 8.93 -49.10 19.91
N GLU B 107 8.17 -49.68 18.99
CA GLU B 107 8.48 -50.98 18.43
C GLU B 107 9.17 -50.84 17.07
N LYS B 108 8.64 -49.95 16.23
CA LYS B 108 9.20 -49.74 14.90
C LYS B 108 9.73 -48.33 14.77
N LEU B 109 10.73 -48.17 13.91
CA LEU B 109 11.22 -46.84 13.59
C LEU B 109 11.37 -46.73 12.08
N ALA B 110 10.78 -45.70 11.52
CA ALA B 110 10.92 -45.44 10.10
C ALA B 110 11.76 -44.19 9.90
N TYR B 111 12.83 -44.29 9.11
CA TYR B 111 13.63 -43.12 8.79
C TYR B 111 13.85 -43.04 7.28
N SER B 112 14.33 -41.89 6.82
CA SER B 112 14.51 -41.64 5.40
C SER B 112 15.84 -40.94 5.12
N PHE B 113 16.57 -41.46 4.15
CA PHE B 113 17.85 -40.88 3.78
C PHE B 113 18.10 -40.92 2.30
N SER B 114 18.88 -39.98 1.81
CA SER B 114 19.21 -39.89 0.40
C SER B 114 20.69 -40.11 0.18
N ILE B 115 20.98 -40.96 -0.78
CA ILE B 115 22.34 -41.33 -1.12
C ILE B 115 22.88 -40.63 -2.32
N GLY B 116 24.00 -39.97 -2.14
CA GLY B 116 24.68 -39.31 -3.23
C GLY B 116 23.97 -38.30 -4.09
N GLY B 117 23.07 -37.50 -3.55
CA GLY B 117 22.41 -36.49 -4.33
C GLY B 117 21.11 -36.71 -5.08
N ALA B 118 20.67 -37.94 -5.26
CA ALA B 118 19.40 -38.14 -5.93
C ALA B 118 18.25 -37.58 -5.12
N ASP B 119 17.36 -36.87 -5.80
CA ASP B 119 16.19 -36.31 -5.14
C ASP B 119 15.41 -37.40 -4.41
N GLU B 120 15.53 -38.62 -4.92
CA GLU B 120 14.92 -39.78 -4.29
C GLU B 120 15.74 -40.19 -3.08
N GLY B 121 15.10 -40.28 -1.92
CA GLY B 121 15.75 -40.81 -0.74
C GLY B 121 15.30 -42.24 -0.53
N ILE B 122 15.60 -42.79 0.65
CA ILE B 122 15.20 -44.14 1.00
C ILE B 122 14.55 -44.20 2.38
N THR B 123 13.26 -44.56 2.41
CA THR B 123 12.53 -44.75 3.65
C THR B 123 12.69 -46.19 4.15
N ARG B 124 13.23 -46.33 5.36
CA ARG B 124 13.44 -47.64 5.98
C ARG B 124 12.64 -47.80 7.26
N ILE B 125 11.83 -48.85 7.31
CA ILE B 125 11.15 -49.21 8.55
C ILE B 125 11.95 -50.30 9.25
N ILE B 126 12.38 -50.05 10.49
CA ILE B 126 13.21 -51.02 11.19
C ILE B 126 12.61 -51.44 12.53
N ASP B 127 13.12 -52.55 13.06
CA ASP B 127 12.69 -53.05 14.35
C ASP B 127 13.60 -52.47 15.43
N LEU B 128 13.01 -51.80 16.41
CA LEU B 128 13.78 -51.17 17.46
C LEU B 128 14.33 -52.18 18.45
N LYS B 129 13.66 -53.33 18.53
CA LYS B 129 14.12 -54.39 19.41
C LYS B 129 15.27 -55.20 18.84
N THR B 130 15.14 -55.57 17.58
CA THR B 130 16.11 -56.45 16.92
C THR B 130 17.24 -55.66 16.28
N GLY B 131 16.86 -54.58 15.59
CA GLY B 131 17.79 -53.85 14.75
C GLY B 131 17.55 -54.27 13.30
N GLU B 132 16.62 -55.19 13.13
CA GLU B 132 16.29 -55.73 11.82
C GLU B 132 15.57 -54.68 10.95
N VAL B 133 15.86 -54.69 9.66
CA VAL B 133 15.15 -53.86 8.71
C VAL B 133 14.01 -54.67 8.12
N ILE B 134 12.82 -54.56 8.72
CA ILE B 134 11.70 -55.35 8.26
C ILE B 134 11.29 -54.96 6.84
N GLU B 135 11.42 -53.68 6.52
CA GLU B 135 11.01 -53.20 5.22
C GLU B 135 11.77 -51.96 4.78
N GLU B 136 12.03 -51.88 3.49
CA GLU B 136 12.67 -50.75 2.88
C GLU B 136 11.90 -50.41 1.62
N ILE B 137 11.57 -49.14 1.43
CA ILE B 137 10.80 -48.72 0.27
C ILE B 137 11.52 -47.58 -0.44
N LYS B 138 11.53 -47.64 -1.78
CA LYS B 138 12.02 -46.54 -2.62
C LYS B 138 11.03 -46.18 -3.72
N PRO B 139 10.83 -44.87 -3.98
CA PRO B 139 11.51 -43.75 -3.31
C PRO B 139 11.02 -43.52 -1.88
N SER B 140 11.58 -42.52 -1.20
CA SER B 140 11.18 -42.21 0.18
C SER B 140 9.71 -41.84 0.28
N ILE B 141 9.07 -42.35 1.32
CA ILE B 141 7.70 -41.98 1.58
C ILE B 141 7.66 -41.00 2.74
N TRP B 142 6.50 -40.39 2.94
CA TRP B 142 6.36 -39.29 3.88
C TRP B 142 5.12 -39.48 4.74
N ASN B 143 5.10 -38.82 5.89
CA ASN B 143 3.90 -38.74 6.72
C ASN B 143 3.47 -40.12 7.23
N ILE B 144 4.44 -40.91 7.63
CA ILE B 144 4.18 -42.29 8.02
C ILE B 144 3.46 -42.35 9.37
N THR B 145 2.33 -43.06 9.38
CA THR B 145 1.46 -43.10 10.54
C THR B 145 1.11 -44.54 10.92
N PHE B 146 1.80 -45.09 11.90
CA PHE B 146 1.60 -46.48 12.27
C PHE B 146 0.25 -46.71 12.94
N LEU B 147 -0.36 -47.85 12.61
CA LEU B 147 -1.64 -48.28 13.15
C LEU B 147 -1.74 -49.79 13.26
N LYS B 148 -2.14 -50.28 14.43
CA LYS B 148 -2.25 -51.71 14.73
C LYS B 148 -0.97 -52.27 14.16
N ASP B 149 -1.12 -53.30 13.34
CA ASP B 149 0.02 -53.95 12.72
C ASP B 149 0.67 -53.21 11.53
N GLY B 150 -0.09 -52.33 10.88
CA GLY B 150 0.43 -51.61 9.73
C GLY B 150 0.41 -50.09 9.76
N TYR B 151 0.24 -49.47 8.60
CA TYR B 151 0.23 -48.01 8.57
C TYR B 151 -0.28 -47.24 7.34
N TYR B 152 -0.57 -45.96 7.57
CA TYR B 152 -0.93 -45.07 6.47
C TYR B 152 0.34 -44.34 6.01
N PHE B 153 0.37 -43.92 4.75
CA PHE B 153 1.46 -43.11 4.24
C PHE B 153 1.03 -42.33 2.99
N THR B 154 1.67 -41.18 2.78
CA THR B 154 1.38 -40.43 1.57
C THR B 154 2.52 -40.51 0.60
N ARG B 155 2.15 -40.89 -0.62
CA ARG B 155 3.07 -40.93 -1.75
C ARG B 155 3.11 -39.61 -2.50
N PHE B 156 4.32 -39.09 -2.65
CA PHE B 156 4.54 -37.92 -3.47
C PHE B 156 5.12 -38.30 -4.83
N TYR B 157 4.61 -37.68 -5.89
CA TYR B 157 5.03 -37.98 -7.24
C TYR B 157 5.81 -36.83 -7.86
N ARG B 158 7.13 -36.96 -7.91
CA ARG B 158 7.99 -35.92 -8.45
C ARG B 158 7.67 -35.70 -9.93
N LYS B 159 7.87 -36.74 -10.73
CA LYS B 159 7.23 -36.77 -12.03
C LYS B 159 6.87 -38.19 -12.45
N GLU B 160 5.70 -38.61 -11.96
CA GLU B 160 4.99 -39.79 -12.43
C GLU B 160 3.51 -39.63 -12.14
N LYS B 161 2.70 -40.15 -13.05
CA LYS B 161 1.26 -40.02 -12.90
C LYS B 161 0.76 -40.87 -11.74
N THR B 162 -0.27 -40.36 -11.07
CA THR B 162 -0.95 -41.08 -10.00
C THR B 162 -1.66 -42.30 -10.59
N PRO B 163 -2.00 -43.29 -9.73
CA PRO B 163 -2.70 -44.49 -10.21
C PRO B 163 -4.05 -44.21 -10.88
N ASP B 164 -4.64 -43.05 -10.63
CA ASP B 164 -5.90 -42.67 -11.25
C ASP B 164 -5.70 -41.62 -12.35
N GLY B 165 -4.45 -41.46 -12.78
CA GLY B 165 -4.16 -40.71 -13.99
C GLY B 165 -3.98 -39.20 -13.89
N VAL B 166 -3.56 -38.71 -12.73
CA VAL B 166 -3.28 -37.30 -12.59
C VAL B 166 -1.79 -37.00 -12.76
N ASN B 167 -1.49 -36.01 -13.59
CA ASN B 167 -0.13 -35.53 -13.79
C ASN B 167 0.52 -35.07 -12.50
N PRO B 168 1.83 -35.34 -12.37
CA PRO B 168 2.69 -34.85 -11.28
C PRO B 168 3.03 -33.36 -11.41
N PRO B 169 3.40 -32.70 -10.30
CA PRO B 169 3.53 -33.21 -8.92
C PRO B 169 2.20 -33.50 -8.24
N ALA B 170 2.11 -34.63 -7.54
CA ALA B 170 0.86 -35.00 -6.87
C ALA B 170 1.09 -35.80 -5.59
N ALA B 171 -0.01 -36.19 -4.96
CA ALA B 171 0.06 -36.93 -3.70
C ALA B 171 -1.17 -37.78 -3.50
N ARG B 172 -0.96 -39.01 -3.04
CA ARG B 172 -2.05 -39.93 -2.72
C ARG B 172 -1.79 -40.57 -1.37
N MET B 173 -2.84 -41.03 -0.70
CA MET B 173 -2.65 -41.67 0.60
C MET B 173 -3.03 -43.15 0.60
N PHE B 174 -2.19 -43.95 1.24
CA PHE B 174 -2.31 -45.40 1.16
C PHE B 174 -2.42 -46.04 2.53
N TRP B 175 -2.65 -47.32 2.57
CA TRP B 175 -2.69 -48.01 3.82
C TRP B 175 -1.93 -49.26 3.52
N LYS B 176 -1.00 -49.66 4.37
CA LYS B 176 -0.25 -50.90 4.11
C LYS B 176 -0.44 -51.91 5.22
N ASP B 177 -0.60 -53.17 4.82
CA ASP B 177 -0.80 -54.31 5.73
C ASP B 177 -0.42 -55.55 4.91
N ARG B 178 -0.82 -56.73 5.36
CA ARG B 178 -0.57 -57.99 4.72
C ARG B 178 -0.60 -58.01 3.22
N GLU B 179 -1.60 -57.35 2.65
CA GLU B 179 -1.82 -57.33 1.23
C GLU B 179 -0.82 -56.48 0.46
N GLY B 180 -0.68 -55.21 0.81
CA GLY B 180 0.16 -54.31 0.03
C GLY B 180 -0.48 -52.94 -0.03
N GLU B 181 -0.01 -52.09 -0.93
CA GLU B 181 -0.58 -50.74 -1.06
C GLU B 181 -1.90 -50.48 -1.77
N ARG B 182 -2.92 -50.26 -0.95
CA ARG B 182 -4.26 -49.89 -1.36
C ARG B 182 -4.45 -48.39 -1.09
N MET B 183 -4.75 -47.64 -2.17
CA MET B 183 -5.04 -46.22 -2.06
C MET B 183 -6.30 -46.01 -1.23
N VAL B 184 -6.24 -45.06 -0.30
CA VAL B 184 -7.29 -44.89 0.69
C VAL B 184 -7.87 -43.48 0.66
N PHE B 185 -7.07 -42.53 0.17
CA PHE B 185 -7.47 -41.14 0.11
C PHE B 185 -6.66 -40.41 -0.95
N GLY B 186 -7.27 -39.41 -1.59
CA GLY B 186 -6.56 -38.55 -2.53
C GLY B 186 -7.00 -38.72 -3.96
N GLU B 187 -7.71 -39.81 -4.23
CA GLU B 187 -8.11 -40.15 -5.59
C GLU B 187 -8.93 -39.04 -6.24
N GLY B 188 -8.54 -38.65 -7.44
CA GLY B 188 -9.25 -37.63 -8.18
C GLY B 188 -8.64 -36.25 -8.06
N LEU B 189 -7.92 -36.02 -6.98
CA LEU B 189 -7.24 -34.73 -6.75
C LEU B 189 -6.21 -34.42 -7.83
N THR B 190 -6.31 -33.23 -8.41
CA THR B 190 -5.39 -32.85 -9.47
C THR B 190 -3.99 -32.59 -8.92
N SER B 191 -3.10 -32.17 -9.80
CA SER B 191 -1.73 -31.89 -9.41
C SER B 191 -1.61 -30.60 -8.56
N GLY B 192 -0.71 -30.64 -7.56
CA GLY B 192 -0.49 -29.47 -6.72
C GLY B 192 -1.15 -29.62 -5.35
N TYR B 193 -2.19 -30.44 -5.30
CA TYR B 193 -2.83 -30.75 -4.03
C TYR B 193 -1.90 -31.60 -3.17
N PHE B 194 -1.55 -31.06 -2.01
CA PHE B 194 -0.65 -31.76 -1.09
C PHE B 194 -1.41 -32.15 0.17
N MET B 195 -1.10 -33.32 0.72
CA MET B 195 -1.86 -33.87 1.82
C MET B 195 -0.98 -34.43 2.94
N SER B 196 -1.58 -34.56 4.12
CA SER B 196 -0.90 -35.09 5.29
C SER B 196 -1.92 -35.57 6.29
N ILE B 197 -1.59 -36.61 7.05
CA ILE B 197 -2.50 -37.12 8.05
C ILE B 197 -1.86 -37.12 9.42
N ARG B 198 -2.65 -36.79 10.42
CA ARG B 198 -2.28 -36.96 11.82
C ARG B 198 -3.45 -37.59 12.55
N LYS B 199 -3.17 -38.29 13.64
CA LYS B 199 -4.23 -38.82 14.45
C LYS B 199 -4.63 -37.77 15.49
N SER B 200 -5.79 -37.93 16.11
CA SER B 200 -6.11 -37.11 17.27
C SER B 200 -5.30 -37.63 18.44
N SER B 201 -5.10 -36.78 19.46
CA SER B 201 -4.28 -37.15 20.61
C SER B 201 -4.81 -38.38 21.36
N ASP B 202 -6.12 -38.61 21.27
CA ASP B 202 -6.72 -39.81 21.86
C ASP B 202 -6.47 -41.03 20.99
N GLY B 203 -6.20 -40.79 19.70
CA GLY B 203 -5.88 -41.84 18.75
C GLY B 203 -7.06 -42.29 17.89
N LYS B 204 -8.26 -41.83 18.25
CA LYS B 204 -9.49 -42.36 17.66
C LYS B 204 -9.80 -41.83 16.26
N PHE B 205 -9.39 -40.61 15.95
CA PHE B 205 -9.74 -39.99 14.67
C PHE B 205 -8.54 -39.72 13.76
N ALA B 206 -8.77 -39.85 12.46
CA ALA B 206 -7.76 -39.46 11.49
C ALA B 206 -7.99 -38.01 11.08
N ILE B 207 -6.90 -37.27 10.85
CA ILE B 207 -6.99 -35.86 10.51
C ILE B 207 -6.16 -35.55 9.27
N VAL B 208 -6.82 -35.29 8.15
CA VAL B 208 -6.14 -35.07 6.89
C VAL B 208 -6.21 -33.62 6.44
N THR B 209 -5.03 -33.02 6.26
CA THR B 209 -4.94 -31.64 5.81
C THR B 209 -4.64 -31.58 4.32
N LEU B 210 -5.48 -30.88 3.57
CA LEU B 210 -5.31 -30.78 2.13
C LEU B 210 -5.05 -29.34 1.70
N THR B 211 -3.97 -29.14 0.94
CA THR B 211 -3.60 -27.80 0.50
C THR B 211 -3.30 -27.71 -1.00
N TYR B 212 -3.80 -26.65 -1.62
CA TYR B 212 -3.39 -26.33 -2.99
C TYR B 212 -2.60 -25.03 -2.98
N GLY B 213 -1.29 -25.13 -2.81
CA GLY B 213 -0.45 -23.96 -2.68
C GLY B 213 -0.92 -23.12 -1.52
N TRP B 214 -0.90 -21.80 -1.70
CA TRP B 214 -1.31 -20.88 -0.65
C TRP B 214 -2.73 -20.38 -0.84
N ASN B 215 -3.52 -21.08 -1.64
CA ASN B 215 -4.82 -20.54 -2.04
C ASN B 215 -6.00 -21.47 -1.82
N GLN B 216 -5.75 -22.58 -1.12
CA GLN B 216 -6.83 -23.46 -0.69
C GLN B 216 -6.37 -24.42 0.41
N GLY B 217 -7.22 -24.60 1.41
CA GLY B 217 -6.96 -25.54 2.49
C GLY B 217 -8.23 -26.27 2.87
N GLU B 218 -8.14 -27.60 2.99
CA GLU B 218 -9.27 -28.42 3.39
C GLU B 218 -8.88 -29.35 4.53
N VAL B 219 -9.87 -29.79 5.30
CA VAL B 219 -9.62 -30.68 6.42
C VAL B 219 -10.65 -31.80 6.47
N TYR B 220 -10.16 -33.03 6.49
CA TYR B 220 -11.02 -34.21 6.59
C TYR B 220 -10.79 -34.93 7.90
N ILE B 221 -11.87 -35.28 8.60
CA ILE B 221 -11.73 -36.06 9.83
C ILE B 221 -12.74 -37.20 9.87
N GLY B 222 -12.41 -38.21 10.66
CA GLY B 222 -13.23 -39.39 10.83
C GLY B 222 -12.45 -40.51 11.49
N PRO B 223 -13.12 -41.64 11.75
CA PRO B 223 -12.51 -42.83 12.35
C PRO B 223 -11.15 -43.20 11.75
N ILE B 224 -10.17 -43.40 12.62
CA ILE B 224 -8.81 -43.74 12.22
C ILE B 224 -8.75 -45.10 11.51
N ASP B 225 -9.69 -45.99 11.82
CA ASP B 225 -9.74 -47.32 11.22
C ASP B 225 -10.38 -47.34 9.84
N ASN B 226 -11.43 -46.55 9.63
CA ASN B 226 -12.20 -46.58 8.38
C ASN B 226 -12.12 -45.26 7.61
N PRO B 227 -11.31 -45.23 6.53
CA PRO B 227 -11.14 -44.09 5.62
C PRO B 227 -12.39 -43.74 4.80
N GLN B 228 -13.32 -44.69 4.67
CA GLN B 228 -14.57 -44.44 3.95
C GLN B 228 -15.44 -43.45 4.72
N GLU B 229 -15.25 -43.38 6.03
CA GLU B 229 -16.01 -42.46 6.88
C GLU B 229 -15.23 -41.15 7.14
N TRP B 230 -14.27 -40.84 6.27
CA TRP B 230 -13.51 -39.59 6.38
C TRP B 230 -14.19 -38.44 5.63
N LYS B 231 -14.87 -37.59 6.39
CA LYS B 231 -15.69 -36.53 5.83
C LYS B 231 -14.98 -35.17 5.79
N LYS B 232 -15.27 -34.38 4.76
CA LYS B 232 -14.85 -32.98 4.74
C LYS B 232 -15.56 -32.26 5.87
N VAL B 233 -14.84 -31.40 6.58
CA VAL B 233 -15.39 -30.78 7.77
C VAL B 233 -15.12 -29.27 7.77
N TYR B 234 -14.07 -28.84 7.09
CA TYR B 234 -13.75 -27.42 6.99
C TYR B 234 -13.07 -27.06 5.67
N SER B 235 -13.44 -25.90 5.13
CA SER B 235 -12.87 -25.42 3.88
C SER B 235 -12.45 -23.95 4.04
N ALA B 236 -11.32 -23.60 3.45
CA ALA B 236 -10.83 -22.22 3.52
C ALA B 236 -10.24 -21.79 2.18
N SER B 237 -10.03 -20.49 2.03
CA SER B 237 -9.42 -19.95 0.82
C SER B 237 -7.91 -19.83 0.98
N VAL B 238 -7.44 -20.11 2.20
CA VAL B 238 -6.01 -20.21 2.47
C VAL B 238 -5.76 -21.52 3.22
N PRO B 239 -4.52 -22.02 3.17
CA PRO B 239 -4.18 -23.22 3.95
C PRO B 239 -4.32 -22.97 5.44
N VAL B 240 -4.89 -23.95 6.15
CA VAL B 240 -5.07 -23.85 7.59
C VAL B 240 -4.38 -25.02 8.28
N GLU B 241 -4.33 -24.98 9.61
CA GLU B 241 -3.68 -26.03 10.38
C GLU B 241 -4.62 -26.69 11.38
N ALA B 242 -4.88 -27.97 11.16
CA ALA B 242 -5.69 -28.73 12.11
C ALA B 242 -4.87 -29.06 13.35
N ILE B 243 -5.41 -28.74 14.52
CA ILE B 243 -4.72 -28.99 15.77
C ILE B 243 -5.03 -30.38 16.31
N ASP B 244 -6.30 -30.63 16.56
CA ASP B 244 -6.71 -31.88 17.21
C ASP B 244 -8.22 -32.11 17.11
N VAL B 245 -8.64 -33.34 17.37
CA VAL B 245 -10.05 -33.68 17.51
C VAL B 245 -10.31 -34.22 18.91
N VAL B 246 -10.85 -33.37 19.77
CA VAL B 246 -11.16 -33.75 21.14
C VAL B 246 -12.65 -33.74 21.41
N ASN B 247 -13.20 -34.92 21.67
CA ASN B 247 -14.62 -35.11 21.97
C ASN B 247 -15.59 -34.54 20.98
N GLY B 248 -15.38 -34.87 19.72
CA GLY B 248 -16.24 -34.43 18.65
C GLY B 248 -16.00 -33.05 18.12
N LYS B 249 -15.03 -32.35 18.69
CA LYS B 249 -14.69 -31.02 18.28
C LYS B 249 -13.37 -30.95 17.56
N LEU B 250 -13.39 -30.52 16.31
CA LEU B 250 -12.15 -30.34 15.61
C LEU B 250 -11.60 -28.95 15.90
N TYR B 251 -10.33 -28.89 16.29
CA TYR B 251 -9.68 -27.64 16.63
C TYR B 251 -8.74 -27.20 15.51
N ILE B 252 -9.04 -26.04 14.91
CA ILE B 252 -8.28 -25.53 13.79
C ILE B 252 -7.66 -24.16 14.07
N LEU B 253 -6.36 -24.04 13.78
CA LEU B 253 -5.66 -22.76 13.81
C LEU B 253 -5.64 -22.15 12.41
N THR B 254 -6.28 -20.99 12.27
CA THR B 254 -6.51 -20.39 10.97
C THR B 254 -6.06 -18.94 10.88
N LYS B 255 -5.38 -18.62 9.78
CA LYS B 255 -4.94 -17.25 9.54
C LYS B 255 -5.75 -16.63 8.41
N GLU B 256 -6.98 -17.12 8.21
CA GLU B 256 -7.85 -16.61 7.15
C GLU B 256 -7.99 -15.10 7.24
N GLY B 257 -8.00 -14.45 6.07
CA GLY B 257 -8.10 -13.01 6.00
C GLY B 257 -6.82 -12.29 6.41
N LYS B 258 -6.85 -11.65 7.57
CA LYS B 258 -5.77 -10.77 8.00
C LYS B 258 -4.46 -11.51 8.27
N GLY B 259 -4.51 -12.83 8.29
CA GLY B 259 -3.31 -13.62 8.45
C GLY B 259 -2.58 -13.44 9.78
N LEU B 260 -3.32 -13.13 10.84
CA LEU B 260 -2.72 -13.08 12.17
C LEU B 260 -2.83 -14.42 12.90
N GLY B 261 -4.00 -15.05 12.86
CA GLY B 261 -4.17 -16.37 13.43
C GLY B 261 -5.11 -16.49 14.60
N LYS B 262 -6.06 -17.42 14.50
CA LYS B 262 -7.04 -17.65 15.56
C LYS B 262 -7.42 -19.13 15.65
N ILE B 263 -7.80 -19.58 16.85
CA ILE B 263 -8.28 -20.93 17.04
C ILE B 263 -9.81 -20.97 16.99
N ILE B 264 -10.35 -21.85 16.14
CA ILE B 264 -11.79 -22.08 16.09
C ILE B 264 -12.07 -23.56 16.34
N ALA B 265 -13.31 -23.88 16.70
CA ALA B 265 -13.69 -25.27 16.90
C ALA B 265 -14.93 -25.64 16.08
N ILE B 266 -14.94 -26.85 15.56
CA ILE B 266 -16.03 -27.30 14.70
C ILE B 266 -16.74 -28.50 15.30
N LYS B 267 -18.04 -28.36 15.54
CA LYS B 267 -18.85 -29.49 15.95
C LYS B 267 -20.18 -29.50 15.22
N ASN B 268 -20.40 -30.56 14.45
CA ASN B 268 -21.61 -30.72 13.65
C ASN B 268 -21.88 -29.54 12.71
N GLY B 269 -20.83 -29.11 12.00
CA GLY B 269 -20.95 -28.02 11.05
C GLY B 269 -20.91 -26.66 11.71
N LYS B 270 -21.26 -26.60 12.99
CA LYS B 270 -21.30 -25.35 13.71
C LYS B 270 -19.91 -24.96 14.19
N ILE B 271 -19.47 -23.77 13.82
CA ILE B 271 -18.15 -23.26 14.19
C ILE B 271 -18.24 -22.26 15.34
N ASP B 272 -17.38 -22.45 16.34
CA ASP B 272 -17.26 -21.49 17.42
C ASP B 272 -15.84 -20.93 17.47
N GLU B 273 -15.72 -19.68 17.91
CA GLU B 273 -14.41 -19.08 18.07
C GLU B 273 -13.89 -19.35 19.47
N VAL B 274 -12.97 -20.29 19.59
CA VAL B 274 -12.37 -20.62 20.88
C VAL B 274 -11.43 -19.51 21.30
N ILE B 275 -10.47 -19.19 20.43
CA ILE B 275 -9.54 -18.10 20.69
C ILE B 275 -9.56 -17.13 19.52
N PRO B 276 -9.86 -15.86 19.82
CA PRO B 276 -9.97 -14.81 18.79
C PRO B 276 -8.62 -14.34 18.31
N GLU B 277 -8.62 -13.55 17.24
CA GLU B 277 -7.40 -12.97 16.71
C GLU B 277 -6.79 -11.94 17.69
N GLY B 278 -5.48 -11.98 17.85
CA GLY B 278 -4.79 -11.09 18.76
C GLY B 278 -3.97 -10.01 18.07
N GLU B 279 -3.17 -9.29 18.85
CA GLU B 279 -2.35 -8.21 18.32
C GLU B 279 -1.16 -8.73 17.54
N PHE B 280 -0.63 -9.87 17.98
CA PHE B 280 0.51 -10.51 17.33
C PHE B 280 0.09 -11.87 16.75
N PRO B 281 0.87 -12.39 15.79
CA PRO B 281 0.51 -13.65 15.12
C PRO B 281 0.49 -14.88 16.04
N LEU B 282 -0.38 -15.82 15.70
CA LEU B 282 -0.52 -17.10 16.38
C LEU B 282 0.06 -18.21 15.52
N GLU B 283 1.31 -18.59 15.80
CA GLU B 283 2.09 -19.40 14.87
C GLU B 283 1.81 -20.91 14.87
N TRP B 284 1.51 -21.45 16.04
CA TRP B 284 1.16 -22.86 16.16
C TRP B 284 0.39 -23.10 17.45
N ALA B 285 -0.28 -24.23 17.53
CA ALA B 285 -1.08 -24.58 18.70
C ALA B 285 -1.17 -26.09 18.85
N VAL B 286 -1.16 -26.55 20.10
CA VAL B 286 -1.35 -27.95 20.43
C VAL B 286 -2.27 -28.06 21.65
N ILE B 287 -2.98 -29.17 21.73
CA ILE B 287 -3.83 -29.42 22.87
C ILE B 287 -3.17 -30.54 23.66
N VAL B 288 -2.82 -30.25 24.89
CA VAL B 288 -2.20 -31.21 25.75
C VAL B 288 -3.13 -31.32 26.93
N ARG B 289 -3.55 -32.55 27.23
CA ARG B 289 -4.48 -32.84 28.32
C ARG B 289 -5.72 -32.07 28.00
N ASP B 290 -6.13 -31.17 28.87
CA ASP B 290 -7.29 -30.37 28.59
C ASP B 290 -6.93 -28.91 28.44
N LYS B 291 -5.73 -28.64 27.97
CA LYS B 291 -5.31 -27.27 27.82
C LYS B 291 -4.86 -26.98 26.41
N ILE B 292 -5.07 -25.75 25.95
CA ILE B 292 -4.59 -25.40 24.63
C ILE B 292 -3.29 -24.66 24.79
N LEU B 293 -2.25 -25.19 24.18
CA LEU B 293 -0.93 -24.57 24.25
C LEU B 293 -0.63 -23.88 22.93
N ALA B 294 -0.28 -22.61 22.98
CA ALA B 294 -0.11 -21.81 21.76
C ALA B 294 1.18 -21.01 21.75
N GLY B 295 1.78 -20.89 20.56
CA GLY B 295 2.97 -20.07 20.41
C GLY B 295 2.67 -18.75 19.73
N ARG B 296 2.83 -17.64 20.45
CA ARG B 296 2.58 -16.33 19.86
C ARG B 296 3.88 -15.58 19.60
N LEU B 297 4.00 -15.05 18.40
CA LEU B 297 5.20 -14.35 17.97
C LEU B 297 5.11 -12.86 18.29
N VAL B 298 5.66 -12.46 19.43
CA VAL B 298 5.62 -11.06 19.86
C VAL B 298 6.92 -10.32 19.51
N HIS B 299 6.85 -9.43 18.51
CA HIS B 299 8.02 -8.75 17.98
C HIS B 299 9.13 -9.74 17.61
N ALA B 300 8.72 -10.81 16.94
CA ALA B 300 9.60 -11.78 16.30
C ALA B 300 10.33 -12.72 17.27
N SER B 301 9.91 -12.72 18.53
CA SER B 301 10.31 -13.80 19.43
C SER B 301 9.05 -14.42 20.00
N TYR B 302 9.20 -15.61 20.58
CA TYR B 302 8.06 -16.43 20.96
C TYR B 302 7.69 -16.31 22.43
N LYS B 303 6.40 -16.12 22.67
CA LYS B 303 5.82 -16.23 24.01
C LYS B 303 4.99 -17.51 24.02
N LEU B 304 4.87 -18.18 25.17
CA LEU B 304 4.11 -19.43 25.24
C LEU B 304 2.81 -19.27 26.01
N GLU B 305 1.69 -19.54 25.34
CA GLU B 305 0.38 -19.31 25.94
C GLU B 305 -0.33 -20.61 26.31
N VAL B 306 -1.06 -20.57 27.42
CA VAL B 306 -1.78 -21.74 27.91
C VAL B 306 -3.26 -21.42 28.14
N TYR B 307 -4.12 -22.10 27.39
CA TYR B 307 -5.56 -21.90 27.47
C TYR B 307 -6.28 -23.18 27.86
N THR B 308 -7.50 -23.05 28.39
CA THR B 308 -8.40 -24.19 28.50
C THR B 308 -9.05 -24.45 27.14
N LEU B 309 -9.79 -25.54 27.03
CA LEU B 309 -10.49 -25.85 25.80
C LEU B 309 -11.66 -24.89 25.58
N ASN B 310 -12.06 -24.22 26.66
CA ASN B 310 -13.12 -23.23 26.61
C ASN B 310 -12.58 -21.86 26.18
N GLY B 311 -11.26 -21.73 26.14
CA GLY B 311 -10.63 -20.52 25.62
C GLY B 311 -10.10 -19.55 26.66
N GLU B 312 -10.49 -19.73 27.91
CA GLU B 312 -10.00 -18.84 28.96
C GLU B 312 -8.51 -19.05 29.18
N LYS B 313 -7.78 -17.96 29.43
CA LYS B 313 -6.33 -18.06 29.54
C LYS B 313 -5.89 -18.38 30.97
N ILE B 314 -5.01 -19.38 31.07
CA ILE B 314 -4.51 -19.86 32.36
C ILE B 314 -3.24 -19.14 32.80
N LYS B 315 -2.23 -19.14 31.93
CA LYS B 315 -1.00 -18.41 32.19
C LYS B 315 -0.20 -18.19 30.91
N GLU B 316 0.75 -17.26 30.98
CA GLU B 316 1.72 -17.05 29.93
C GLU B 316 3.09 -17.43 30.43
N ILE B 317 3.98 -17.74 29.50
CA ILE B 317 5.37 -18.02 29.82
C ILE B 317 6.28 -17.22 28.90
N THR B 318 6.99 -16.26 29.47
CA THR B 318 7.93 -15.44 28.72
C THR B 318 9.35 -15.86 29.04
N PHE B 319 10.18 -16.00 28.02
CA PHE B 319 11.51 -16.59 28.21
C PHE B 319 12.56 -15.60 28.68
N ASP B 320 13.57 -16.13 29.35
CA ASP B 320 14.70 -15.34 29.84
C ASP B 320 15.48 -14.73 28.67
N VAL B 321 15.49 -15.47 27.55
CA VAL B 321 16.21 -15.04 26.36
C VAL B 321 15.31 -15.22 25.15
N PRO B 322 15.19 -14.17 24.31
CA PRO B 322 14.32 -14.28 23.13
C PRO B 322 14.73 -15.46 22.27
N GLY B 323 13.77 -16.31 21.94
CA GLY B 323 14.05 -17.50 21.15
C GLY B 323 12.90 -17.87 20.24
N SER B 324 13.10 -18.93 19.46
CA SER B 324 12.05 -19.48 18.63
C SER B 324 11.58 -20.79 19.26
N LEU B 325 10.31 -21.12 19.12
CA LEU B 325 9.74 -22.27 19.79
C LEU B 325 8.79 -23.04 18.88
N TYR B 326 9.06 -24.33 18.68
CA TYR B 326 8.19 -25.18 17.85
C TYR B 326 7.93 -26.51 18.52
N PRO B 327 6.72 -27.07 18.30
CA PRO B 327 6.35 -28.39 18.82
C PRO B 327 6.95 -29.54 17.99
N LEU B 328 7.71 -30.39 18.65
CA LEU B 328 8.35 -31.48 17.98
C LEU B 328 7.47 -32.69 17.85
N ASP B 329 6.71 -33.02 18.89
CA ASP B 329 5.80 -34.15 18.90
C ASP B 329 4.91 -34.03 20.13
N LYS B 330 3.93 -34.89 20.21
CA LYS B 330 3.05 -34.87 21.34
C LYS B 330 2.21 -36.12 21.51
N ASP B 331 1.78 -36.35 22.74
CA ASP B 331 0.90 -37.44 23.05
C ASP B 331 -0.24 -36.86 23.86
N GLU B 332 -0.95 -37.70 24.58
CA GLU B 332 -2.04 -37.17 25.40
C GLU B 332 -1.51 -36.51 26.66
N GLU B 333 -0.35 -36.97 27.14
CA GLU B 333 0.18 -36.50 28.40
C GLU B 333 1.08 -35.27 28.26
N ARG B 334 1.79 -35.15 27.14
CA ARG B 334 2.70 -34.02 27.00
C ARG B 334 3.09 -33.70 25.57
N VAL B 335 3.87 -32.62 25.44
CA VAL B 335 4.39 -32.15 24.16
C VAL B 335 5.88 -31.82 24.32
N LEU B 336 6.67 -32.12 23.29
CA LEU B 336 8.06 -31.69 23.23
C LEU B 336 8.20 -30.43 22.39
N LEU B 337 8.92 -29.44 22.89
CA LEU B 337 9.10 -28.20 22.13
C LEU B 337 10.59 -27.87 21.96
N ARG B 338 10.96 -27.47 20.74
CA ARG B 338 12.35 -27.13 20.47
C ARG B 338 12.57 -25.63 20.45
N TYR B 339 13.51 -25.19 21.30
CA TYR B 339 13.86 -23.78 21.43
C TYR B 339 15.27 -23.57 20.90
N THR B 340 15.50 -22.47 20.21
CA THR B 340 16.84 -22.11 19.76
C THR B 340 17.01 -20.58 19.83
N SER B 341 18.24 -20.13 20.00
CA SER B 341 18.52 -18.69 20.01
C SER B 341 19.94 -18.40 19.56
N PHE B 342 20.33 -17.14 19.67
CA PHE B 342 21.57 -16.67 19.06
C PHE B 342 22.84 -17.30 19.66
N THR B 343 22.83 -17.55 20.96
CA THR B 343 23.96 -18.19 21.62
C THR B 343 23.50 -19.46 22.31
N ILE B 344 22.26 -19.86 22.02
CA ILE B 344 21.70 -21.09 22.58
C ILE B 344 21.28 -22.02 21.46
N PRO B 345 22.18 -22.92 21.04
CA PRO B 345 21.97 -23.86 19.93
C PRO B 345 20.61 -24.56 19.98
N TYR B 346 20.26 -25.15 21.12
CA TYR B 346 18.92 -25.69 21.31
C TYR B 346 18.60 -25.92 22.78
N ARG B 347 17.32 -25.76 23.11
CA ARG B 347 16.78 -26.23 24.37
C ARG B 347 15.68 -27.19 24.06
N LEU B 348 15.65 -28.32 24.75
CA LEU B 348 14.53 -29.23 24.64
C LEU B 348 13.63 -29.07 25.86
N TYR B 349 12.38 -28.69 25.60
CA TYR B 349 11.40 -28.52 26.65
C TYR B 349 10.34 -29.60 26.57
N GLU B 350 9.75 -29.91 27.72
CA GLU B 350 8.62 -30.82 27.77
C GLU B 350 7.52 -30.11 28.53
N PHE B 351 6.30 -30.15 28.01
CA PHE B 351 5.18 -29.54 28.71
C PHE B 351 4.12 -30.56 29.07
N LYS B 352 3.91 -30.75 30.35
CA LYS B 352 2.90 -31.65 30.84
C LYS B 352 1.85 -30.71 31.34
N ASP B 353 2.05 -30.21 32.54
CA ASP B 353 1.20 -29.18 33.08
C ASP B 353 2.06 -27.91 33.32
N ASP B 354 3.37 -28.07 33.22
CA ASP B 354 4.33 -27.00 33.38
C ASP B 354 5.41 -27.19 32.32
N LEU B 355 6.08 -26.11 31.95
CA LEU B 355 7.15 -26.17 30.98
C LEU B 355 8.43 -26.64 31.67
N ARG B 356 8.85 -27.86 31.36
CA ARG B 356 10.05 -28.41 31.98
C ARG B 356 11.17 -28.61 30.97
N LEU B 357 12.29 -27.96 31.23
CA LEU B 357 13.51 -28.11 30.44
C LEU B 357 14.12 -29.49 30.65
N ILE B 358 14.34 -30.24 29.57
CA ILE B 358 14.88 -31.59 29.76
C ILE B 358 16.20 -31.80 29.03
N GLU B 359 16.60 -30.85 28.19
CA GLU B 359 17.97 -30.84 27.66
C GLU B 359 18.32 -29.46 27.13
N GLU B 360 19.56 -29.05 27.32
CA GLU B 360 20.00 -27.72 26.90
C GLU B 360 21.45 -27.65 26.46
N ARG B 361 21.68 -27.14 25.25
CA ARG B 361 23.03 -26.77 24.87
C ARG B 361 23.10 -25.26 24.64
N LYS B 362 23.99 -24.59 25.37
CA LYS B 362 24.18 -23.15 25.20
C LYS B 362 25.66 -22.81 25.24
N VAL B 363 26.01 -21.65 24.68
CA VAL B 363 27.38 -21.18 24.68
C VAL B 363 27.63 -20.30 25.88
N GLU B 364 28.71 -20.56 26.61
CA GLU B 364 29.03 -19.72 27.75
C GLU B 364 29.85 -18.49 27.37
N GLY B 365 29.73 -17.46 28.19
CA GLY B 365 30.33 -16.17 27.92
C GLY B 365 29.38 -15.06 28.30
N GLU B 366 29.91 -13.85 28.44
CA GLU B 366 29.10 -12.72 28.82
C GLU B 366 28.29 -12.22 27.63
N PHE B 367 27.25 -12.97 27.27
CA PHE B 367 26.41 -12.62 26.12
C PHE B 367 25.12 -11.92 26.56
N ARG B 368 24.64 -11.00 25.74
CA ARG B 368 23.41 -10.31 26.04
C ARG B 368 22.60 -10.04 24.79
N VAL B 369 21.31 -10.23 24.92
CA VAL B 369 20.37 -10.00 23.83
C VAL B 369 19.57 -8.73 24.09
N GLU B 370 19.75 -7.73 23.24
CA GLU B 370 18.96 -6.51 23.32
C GLU B 370 18.06 -6.35 22.09
N GLU B 371 17.08 -5.50 22.23
CA GLU B 371 16.15 -5.23 21.16
C GLU B 371 16.03 -3.74 20.97
N ASP B 372 15.77 -3.32 19.76
CA ASP B 372 15.63 -1.91 19.45
C ASP B 372 14.77 -1.74 18.21
N PHE B 373 14.33 -0.53 17.95
CA PHE B 373 13.48 -0.28 16.81
C PHE B 373 13.95 0.87 15.95
N ALA B 374 14.18 0.64 14.68
CA ALA B 374 14.54 1.74 13.78
C ALA B 374 13.27 2.33 13.21
N THR B 375 13.36 3.56 12.73
CA THR B 375 12.20 4.21 12.13
C THR B 375 12.45 4.40 10.65
N SER B 376 11.67 3.69 9.84
CA SER B 376 11.83 3.75 8.40
C SER B 376 11.38 5.10 7.86
N LYS B 377 11.57 5.28 6.55
CA LYS B 377 11.28 6.54 5.89
C LYS B 377 9.81 6.96 6.03
N ASP B 378 8.89 6.01 5.96
CA ASP B 378 7.48 6.31 6.12
C ASP B 378 6.98 6.23 7.57
N GLY B 379 7.90 6.03 8.50
CA GLY B 379 7.55 6.03 9.91
C GLY B 379 7.37 4.65 10.50
N THR B 380 7.38 3.64 9.63
CA THR B 380 7.25 2.24 10.05
C THR B 380 8.36 1.85 11.00
N LYS B 381 8.01 1.17 12.09
CA LYS B 381 9.04 0.75 13.04
C LYS B 381 9.64 -0.59 12.65
N VAL B 382 10.97 -0.65 12.66
CA VAL B 382 11.69 -1.85 12.26
C VAL B 382 12.44 -2.44 13.44
N HIS B 383 11.82 -3.44 14.06
CA HIS B 383 12.38 -4.16 15.20
C HIS B 383 13.61 -4.95 14.80
N TYR B 384 14.69 -4.81 15.57
CA TYR B 384 15.88 -5.63 15.34
C TYR B 384 16.52 -6.12 16.64
N PHE B 385 17.00 -7.35 16.60
CA PHE B 385 17.68 -7.94 17.75
C PHE B 385 19.11 -7.46 17.82
N ILE B 386 19.64 -7.33 19.02
CA ILE B 386 21.03 -6.95 19.21
C ILE B 386 21.69 -7.98 20.10
N VAL B 387 22.80 -8.54 19.63
CA VAL B 387 23.50 -9.57 20.38
C VAL B 387 24.93 -9.11 20.66
N LYS B 388 25.29 -9.05 21.93
CA LYS B 388 26.59 -8.51 22.31
C LYS B 388 27.35 -9.45 23.24
N GLY B 389 28.65 -9.28 23.30
CA GLY B 389 29.48 -10.05 24.19
C GLY B 389 30.03 -9.14 25.27
N GLU B 390 31.09 -9.56 25.93
CA GLU B 390 31.71 -8.78 27.00
C GLU B 390 32.18 -7.41 26.59
N ARG B 391 32.86 -7.32 25.47
CA ARG B 391 33.41 -6.06 25.01
C ARG B 391 32.71 -5.58 23.73
N ASP B 392 32.84 -4.29 23.43
CA ASP B 392 32.13 -3.68 22.32
C ASP B 392 33.08 -2.83 21.50
N GLU B 393 33.55 -3.39 20.39
CA GLU B 393 34.48 -2.68 19.52
C GLU B 393 33.73 -1.92 18.41
N LYS B 394 32.42 -1.75 18.61
CA LYS B 394 31.56 -0.99 17.67
C LYS B 394 31.59 -1.56 16.25
N ARG B 395 31.73 -2.88 16.13
CA ARG B 395 31.62 -3.55 14.84
C ARG B 395 30.29 -4.31 14.77
N ALA B 396 29.47 -4.06 13.75
CA ALA B 396 28.17 -4.77 13.66
C ALA B 396 28.02 -5.63 12.40
N TRP B 397 27.53 -6.86 12.59
CA TRP B 397 27.23 -7.79 11.50
C TRP B 397 25.73 -7.86 11.36
N VAL B 398 25.21 -7.26 10.28
CA VAL B 398 23.78 -7.06 10.14
C VAL B 398 23.13 -7.99 9.13
N PHE B 399 22.16 -8.75 9.61
CA PHE B 399 21.52 -9.80 8.83
C PHE B 399 20.05 -9.51 8.59
N GLY B 400 19.63 -9.65 7.35
CA GLY B 400 18.28 -9.42 6.96
C GLY B 400 17.80 -10.31 5.84
N TYR B 401 16.50 -10.46 5.73
CA TYR B 401 15.88 -11.20 4.68
C TYR B 401 14.81 -10.35 4.01
N GLY B 402 13.71 -10.13 4.69
CA GLY B 402 12.68 -9.30 4.19
C GLY B 402 11.89 -9.66 2.98
N GLY B 403 11.03 -10.65 3.15
CA GLY B 403 10.19 -11.09 2.08
C GLY B 403 9.74 -12.53 2.23
N PHE B 404 8.93 -12.94 1.27
CA PHE B 404 8.40 -14.28 1.19
C PHE B 404 7.73 -14.81 2.44
N ASN B 405 7.05 -13.95 3.17
CA ASN B 405 6.32 -14.33 4.38
C ASN B 405 7.21 -15.03 5.40
N ILE B 406 8.52 -14.84 5.28
CA ILE B 406 9.45 -15.44 6.24
C ILE B 406 9.83 -14.45 7.33
N ALA B 407 9.46 -14.78 8.56
CA ALA B 407 9.86 -13.98 9.71
C ALA B 407 11.25 -14.40 10.16
N LEU B 408 12.08 -13.44 10.50
CA LEU B 408 13.39 -13.74 11.08
C LEU B 408 13.25 -13.80 12.58
N THR B 409 13.39 -15.00 13.15
CA THR B 409 13.23 -15.21 14.58
C THR B 409 14.56 -15.75 15.12
N PRO B 410 14.79 -15.68 16.45
CA PRO B 410 16.10 -16.08 16.97
C PRO B 410 16.53 -17.48 16.56
N MET B 411 17.77 -17.61 16.09
CA MET B 411 18.35 -18.91 15.75
C MET B 411 19.85 -18.88 15.94
N PHE B 412 20.48 -20.04 15.86
CA PHE B 412 21.91 -20.14 16.16
C PHE B 412 22.76 -20.01 14.92
N PHE B 413 23.65 -19.00 14.92
CA PHE B 413 24.68 -18.83 13.90
C PHE B 413 26.05 -19.15 14.50
N PRO B 414 26.59 -20.33 14.18
CA PRO B 414 27.84 -20.78 14.83
C PRO B 414 29.01 -19.83 14.62
N GLN B 415 29.11 -19.21 13.44
CA GLN B 415 30.26 -18.39 13.11
C GLN B 415 30.20 -16.96 13.66
N VAL B 416 29.10 -16.57 14.31
CA VAL B 416 29.06 -15.23 14.88
C VAL B 416 29.50 -15.25 16.35
N ILE B 417 29.62 -16.45 16.93
CA ILE B 417 30.16 -16.56 18.28
C ILE B 417 31.59 -16.01 18.36
N PRO B 418 32.49 -16.44 17.43
CA PRO B 418 33.83 -15.86 17.50
C PRO B 418 33.82 -14.36 17.24
N PHE B 419 32.79 -13.89 16.54
CA PHE B 419 32.67 -12.47 16.25
C PHE B 419 32.29 -11.69 17.51
N LEU B 420 31.41 -12.27 18.33
CA LEU B 420 31.05 -11.68 19.62
C LEU B 420 32.23 -11.56 20.58
N LYS B 421 33.03 -12.61 20.66
CA LYS B 421 34.15 -12.63 21.60
C LYS B 421 35.25 -11.66 21.21
N ARG B 422 35.17 -11.12 20.00
CA ARG B 422 36.13 -10.11 19.56
C ARG B 422 35.51 -8.73 19.63
N GLY B 423 34.47 -8.59 20.44
CA GLY B 423 33.86 -7.29 20.69
C GLY B 423 32.86 -6.82 19.65
N GLY B 424 32.48 -7.72 18.76
CA GLY B 424 31.55 -7.38 17.71
C GLY B 424 30.11 -7.55 18.16
N THR B 425 29.20 -6.99 17.38
CA THR B 425 27.77 -7.08 17.65
C THR B 425 27.04 -7.74 16.48
N PHE B 426 26.12 -8.65 16.78
CA PHE B 426 25.27 -9.20 15.73
C PHE B 426 23.90 -8.54 15.71
N ILE B 427 23.42 -8.23 14.51
CA ILE B 427 22.12 -7.59 14.33
C ILE B 427 21.26 -8.42 13.40
N MET B 428 20.02 -8.67 13.82
CA MET B 428 19.04 -9.34 12.98
C MET B 428 17.80 -8.46 12.86
N ALA B 429 17.52 -7.95 11.65
CA ALA B 429 16.44 -6.98 11.47
C ALA B 429 15.16 -7.63 10.95
N ASN B 430 14.03 -7.18 11.48
CA ASN B 430 12.74 -7.70 11.02
C ASN B 430 12.11 -6.74 10.02
N LEU B 431 12.46 -6.93 8.76
CA LEU B 431 12.02 -6.07 7.68
C LEU B 431 10.67 -6.52 7.13
N ARG B 432 9.95 -5.56 6.54
CA ARG B 432 8.70 -5.86 5.85
C ARG B 432 8.94 -6.90 4.77
N GLY B 433 7.89 -7.61 4.40
CA GLY B 433 8.01 -8.71 3.45
C GLY B 433 7.93 -10.03 4.18
N GLY B 434 8.30 -10.01 5.46
CA GLY B 434 8.27 -11.21 6.28
C GLY B 434 6.91 -11.37 6.93
N SER B 435 6.81 -12.25 7.92
CA SER B 435 5.53 -12.54 8.54
C SER B 435 5.52 -12.23 10.02
N GLU B 436 6.43 -11.38 10.46
CA GLU B 436 6.51 -11.03 11.88
C GLU B 436 5.19 -10.42 12.36
N TYR B 437 4.54 -9.66 11.48
CA TYR B 437 3.33 -8.93 11.85
C TYR B 437 2.16 -9.31 10.96
N GLY B 438 2.20 -10.50 10.39
CA GLY B 438 1.07 -11.03 9.65
C GLY B 438 1.11 -10.72 8.17
N GLU B 439 0.01 -11.05 7.49
CA GLU B 439 -0.08 -10.98 6.03
C GLU B 439 0.13 -9.57 5.48
N GLU B 440 -0.48 -8.58 6.14
CA GLU B 440 -0.29 -7.19 5.79
C GLU B 440 1.18 -6.76 5.81
N TRP B 441 1.94 -7.33 6.75
CA TRP B 441 3.37 -7.05 6.86
C TRP B 441 4.11 -7.63 5.65
N HIS B 442 3.64 -8.78 5.19
CA HIS B 442 4.18 -9.43 4.00
C HIS B 442 3.92 -8.60 2.75
N ARG B 443 2.65 -8.30 2.51
CA ARG B 443 2.24 -7.55 1.32
C ARG B 443 2.92 -6.18 1.20
N ALA B 444 3.32 -5.61 2.34
CA ALA B 444 4.02 -4.33 2.38
C ALA B 444 5.48 -4.45 1.94
N GLY B 445 5.87 -5.64 1.50
CA GLY B 445 7.20 -5.82 0.94
C GLY B 445 7.18 -6.45 -0.45
N MET B 446 5.99 -6.81 -0.92
CA MET B 446 5.79 -7.53 -2.18
C MET B 446 5.68 -6.61 -3.41
N ARG B 447 6.01 -7.18 -4.57
CA ARG B 447 5.85 -6.48 -5.83
C ARG B 447 6.48 -5.10 -5.73
N GLU B 448 5.63 -4.14 -6.06
CA GLU B 448 5.85 -2.73 -6.10
C GLU B 448 6.28 -2.14 -4.77
N ASN B 449 5.86 -2.77 -3.69
CA ASN B 449 6.26 -2.34 -2.35
C ASN B 449 7.62 -2.85 -1.90
N LYS B 450 8.38 -3.44 -2.83
CA LYS B 450 9.68 -4.03 -2.50
C LYS B 450 10.63 -2.98 -1.91
N GLN B 451 10.54 -1.75 -2.44
CA GLN B 451 11.42 -0.67 -2.00
C GLN B 451 11.33 -0.42 -0.49
N ASN B 452 10.16 -0.68 0.10
CA ASN B 452 9.94 -0.55 1.53
C ASN B 452 10.90 -1.40 2.37
N VAL B 453 11.17 -2.60 1.89
CA VAL B 453 12.10 -3.52 2.54
C VAL B 453 13.53 -2.97 2.55
N PHE B 454 13.94 -2.41 1.42
CA PHE B 454 15.28 -1.84 1.31
C PHE B 454 15.37 -0.63 2.24
N ASP B 455 14.26 0.11 2.33
CA ASP B 455 14.20 1.29 3.17
C ASP B 455 14.28 0.91 4.65
N ASP B 456 13.55 -0.13 5.03
CA ASP B 456 13.61 -0.63 6.42
C ASP B 456 15.04 -0.97 6.79
N PHE B 457 15.73 -1.66 5.88
CA PHE B 457 17.07 -2.15 6.14
C PHE B 457 18.07 -1.00 6.24
N ILE B 458 17.95 -0.05 5.33
CA ILE B 458 18.77 1.16 5.33
C ILE B 458 18.62 1.93 6.64
N ALA B 459 17.39 1.98 7.14
CA ALA B 459 17.10 2.70 8.39
C ALA B 459 17.83 2.08 9.56
N VAL B 460 17.85 0.74 9.60
CA VAL B 460 18.61 0.04 10.62
C VAL B 460 20.09 0.40 10.52
N LEU B 461 20.63 0.35 9.31
CA LEU B 461 22.04 0.60 9.08
C LEU B 461 22.41 2.03 9.43
N GLU B 462 21.61 2.97 8.96
CA GLU B 462 21.81 4.39 9.24
C GLU B 462 21.85 4.65 10.74
N LYS B 463 20.95 4.00 11.47
CA LYS B 463 20.86 4.17 12.91
C LYS B 463 22.14 3.69 13.58
N LEU B 464 22.60 2.51 13.16
CA LEU B 464 23.82 1.93 13.71
C LEU B 464 25.03 2.80 13.38
N LYS B 465 25.07 3.36 12.18
CA LYS B 465 26.16 4.25 11.78
C LYS B 465 26.16 5.49 12.69
N LYS B 466 24.96 6.04 12.91
CA LYS B 466 24.77 7.17 13.82
C LYS B 466 25.35 6.87 15.19
N GLU B 467 25.27 5.61 15.61
CA GLU B 467 25.68 5.22 16.94
C GLU B 467 27.14 4.78 17.03
N GLY B 468 27.88 5.03 15.96
CA GLY B 468 29.32 4.78 15.94
C GLY B 468 29.77 3.45 15.35
N TYR B 469 28.83 2.66 14.88
CA TYR B 469 29.17 1.32 14.41
C TYR B 469 29.77 1.33 13.01
N LYS B 470 30.83 0.55 12.82
CA LYS B 470 31.22 0.12 11.49
C LYS B 470 30.35 -1.08 11.13
N VAL B 471 29.79 -1.09 9.94
CA VAL B 471 28.71 -2.02 9.62
C VAL B 471 29.03 -3.00 8.48
N ALA B 472 28.68 -4.26 8.68
CA ALA B 472 28.77 -5.27 7.63
C ALA B 472 27.38 -5.87 7.36
N ALA B 473 26.84 -5.58 6.18
CA ALA B 473 25.51 -6.05 5.81
C ALA B 473 25.55 -7.43 5.17
N TRP B 474 24.63 -8.30 5.58
CA TRP B 474 24.63 -9.70 5.19
C TRP B 474 23.23 -10.16 4.81
N GLY B 475 23.15 -11.02 3.80
CA GLY B 475 21.88 -11.55 3.34
C GLY B 475 22.06 -12.67 2.33
N ARG B 476 21.11 -13.60 2.31
CA ARG B 476 21.17 -14.76 1.42
C ARG B 476 19.86 -14.99 0.65
N CYS B 477 20.01 -15.33 -0.63
CA CYS B 477 18.87 -15.57 -1.53
C CYS B 477 18.14 -14.22 -1.57
N ASN B 478 16.85 -14.23 -1.23
CA ASN B 478 16.13 -12.98 -1.05
C ASN B 478 16.89 -11.92 -0.26
N GLY B 479 17.61 -12.35 0.77
CA GLY B 479 18.47 -11.47 1.52
C GLY B 479 19.65 -10.97 0.70
N GLY B 480 20.01 -11.75 -0.32
CA GLY B 480 21.03 -11.35 -1.27
C GLY B 480 20.54 -10.18 -2.12
N LEU B 481 19.26 -10.21 -2.50
CA LEU B 481 18.66 -9.06 -3.18
C LEU B 481 18.66 -7.85 -2.27
N LEU B 482 18.36 -8.07 -1.00
CA LEU B 482 18.36 -7.02 0.01
C LEU B 482 19.69 -6.26 0.06
N VAL B 483 20.79 -6.99 0.23
CA VAL B 483 22.10 -6.35 0.31
C VAL B 483 22.54 -5.80 -1.06
N SER B 484 22.20 -6.53 -2.13
CA SER B 484 22.47 -6.06 -3.49
C SER B 484 21.84 -4.69 -3.78
N ALA B 485 20.57 -4.54 -3.39
CA ALA B 485 19.85 -3.31 -3.69
C ALA B 485 20.40 -2.15 -2.86
N THR B 486 20.59 -2.39 -1.57
CA THR B 486 21.11 -1.35 -0.66
C THR B 486 22.52 -0.91 -1.05
N LEU B 487 23.27 -1.80 -1.70
CA LEU B 487 24.61 -1.51 -2.18
C LEU B 487 24.61 -0.57 -3.39
N THR B 488 23.57 -0.70 -4.22
CA THR B 488 23.40 0.15 -5.40
C THR B 488 22.65 1.44 -5.08
N GLN B 489 22.09 1.52 -3.88
CA GLN B 489 21.32 2.70 -3.49
C GLN B 489 22.02 3.49 -2.39
N ARG B 490 22.42 2.82 -1.32
CA ARG B 490 23.09 3.48 -0.20
C ARG B 490 24.39 2.77 0.21
N PRO B 491 25.41 2.76 -0.67
CA PRO B 491 26.67 2.09 -0.31
C PRO B 491 27.39 2.81 0.82
N ASP B 492 26.95 4.02 1.13
CA ASP B 492 27.57 4.87 2.14
C ASP B 492 27.22 4.48 3.57
N VAL B 493 26.18 3.65 3.75
CA VAL B 493 25.78 3.20 5.09
C VAL B 493 26.39 1.84 5.44
N MET B 494 27.23 1.32 4.55
CA MET B 494 27.91 0.05 4.79
C MET B 494 29.43 0.24 4.77
N ASP B 495 30.12 -0.47 5.65
CA ASP B 495 31.58 -0.53 5.56
C ASP B 495 31.97 -1.80 4.82
N SER B 496 30.99 -2.66 4.59
CA SER B 496 31.22 -3.98 4.02
C SER B 496 29.88 -4.60 3.62
N ALA B 497 29.90 -5.43 2.58
CA ALA B 497 28.67 -6.11 2.15
C ALA B 497 28.95 -7.58 1.86
N LEU B 498 28.07 -8.44 2.33
CA LEU B 498 28.13 -9.88 2.05
C LEU B 498 26.83 -10.32 1.39
N ILE B 499 26.94 -10.81 0.17
CA ILE B 499 25.80 -11.15 -0.66
C ILE B 499 25.77 -12.64 -1.03
N GLY B 500 24.83 -13.38 -0.46
CA GLY B 500 24.85 -14.82 -0.55
C GLY B 500 23.81 -15.41 -1.48
N TYR B 501 24.23 -16.45 -2.20
CA TYR B 501 23.40 -17.22 -3.14
C TYR B 501 22.24 -16.38 -3.64
N PRO B 502 22.56 -15.24 -4.27
CA PRO B 502 21.62 -14.12 -4.36
C PRO B 502 20.71 -14.11 -5.58
N VAL B 503 19.54 -13.52 -5.41
CA VAL B 503 18.68 -13.17 -6.53
C VAL B 503 18.95 -11.70 -6.80
N ILE B 504 19.37 -11.37 -8.02
CA ILE B 504 19.85 -10.02 -8.32
C ILE B 504 19.33 -9.46 -9.64
N ASP B 505 19.33 -10.28 -10.70
CA ASP B 505 18.80 -9.86 -12.00
C ASP B 505 17.27 -9.98 -12.00
N MET B 506 16.60 -8.85 -11.78
CA MET B 506 15.16 -8.85 -11.53
C MET B 506 14.32 -8.89 -12.81
N LEU B 507 14.98 -8.85 -13.96
CA LEU B 507 14.27 -8.94 -15.23
C LEU B 507 14.46 -10.30 -15.89
N ARG B 508 15.38 -11.10 -15.38
CA ARG B 508 15.59 -12.42 -15.94
C ARG B 508 15.50 -13.53 -14.90
N PHE B 509 15.12 -13.18 -13.67
CA PHE B 509 15.04 -14.16 -12.58
C PHE B 509 14.05 -15.28 -12.88
N HIS B 510 13.02 -14.97 -13.67
CA HIS B 510 12.02 -15.96 -14.05
C HIS B 510 12.53 -16.87 -15.17
N LYS B 511 13.66 -16.52 -15.78
CA LYS B 511 14.25 -17.33 -16.85
C LYS B 511 15.42 -18.18 -16.34
N LEU B 512 15.67 -18.15 -15.04
CA LEU B 512 16.74 -18.96 -14.49
C LEU B 512 16.22 -20.00 -13.52
N TYR B 513 16.35 -21.28 -13.92
CA TYR B 513 15.83 -22.42 -13.16
C TYR B 513 14.34 -22.32 -12.89
N ILE B 514 13.95 -22.46 -11.63
CA ILE B 514 12.55 -22.37 -11.26
C ILE B 514 12.18 -20.97 -10.78
N GLY B 515 12.94 -19.98 -11.21
CA GLY B 515 12.78 -18.61 -10.74
C GLY B 515 11.38 -18.05 -10.91
N SER B 516 10.68 -18.56 -11.92
CA SER B 516 9.34 -18.07 -12.25
C SER B 516 8.36 -18.19 -11.08
N VAL B 517 8.59 -19.15 -10.20
CA VAL B 517 7.71 -19.36 -9.06
C VAL B 517 7.77 -18.21 -8.05
N TRP B 518 8.68 -17.26 -8.27
CA TRP B 518 8.80 -16.11 -7.39
C TRP B 518 8.04 -14.90 -7.91
N ILE B 519 7.41 -15.03 -9.07
CA ILE B 519 6.66 -13.92 -9.64
C ILE B 519 5.55 -13.38 -8.72
N PRO B 520 4.79 -14.26 -8.03
CA PRO B 520 3.79 -13.70 -7.10
C PRO B 520 4.37 -12.78 -6.03
N GLU B 521 5.66 -12.94 -5.72
CA GLU B 521 6.33 -12.11 -4.72
C GLU B 521 6.99 -10.88 -5.34
N TYR B 522 7.69 -11.09 -6.45
CA TYR B 522 8.47 -10.02 -7.09
C TYR B 522 7.72 -9.26 -8.16
N GLY B 523 6.89 -9.96 -8.92
CA GLY B 523 6.22 -9.35 -10.06
C GLY B 523 6.64 -9.99 -11.37
N ASN B 524 6.00 -9.58 -12.46
CA ASN B 524 6.21 -10.17 -13.77
C ASN B 524 7.12 -9.32 -14.64
N PRO B 525 8.33 -9.81 -14.94
CA PRO B 525 9.29 -9.09 -15.79
C PRO B 525 8.78 -8.86 -17.21
N GLU B 526 7.97 -9.79 -17.72
CA GLU B 526 7.43 -9.68 -19.08
C GLU B 526 6.37 -8.60 -19.22
N ASP B 527 5.82 -8.17 -18.09
CA ASP B 527 4.75 -7.18 -18.05
C ASP B 527 5.33 -5.80 -17.76
N PRO B 528 5.22 -4.87 -18.73
CA PRO B 528 5.75 -3.50 -18.66
C PRO B 528 5.37 -2.74 -17.39
N LYS B 529 4.14 -2.93 -16.92
CA LYS B 529 3.68 -2.20 -15.76
C LYS B 529 4.39 -2.69 -14.49
N ASP B 530 4.79 -3.96 -14.46
CA ASP B 530 5.58 -4.48 -13.34
C ASP B 530 7.04 -4.06 -13.47
N ARG B 531 7.45 -3.69 -14.68
CA ARG B 531 8.82 -3.23 -14.89
C ARG B 531 9.00 -1.83 -14.34
N GLU B 532 7.89 -1.12 -14.10
CA GLU B 532 7.92 0.20 -13.52
C GLU B 532 8.68 0.19 -12.19
N PHE B 533 8.44 -0.83 -11.37
CA PHE B 533 9.20 -0.95 -10.13
C PHE B 533 10.41 -1.89 -10.29
N LEU B 534 10.27 -2.97 -11.06
CA LEU B 534 11.33 -3.97 -11.19
C LEU B 534 12.63 -3.36 -11.75
N LEU B 535 12.49 -2.60 -12.83
CA LEU B 535 13.62 -1.91 -13.45
C LEU B 535 14.21 -0.86 -12.52
N LYS B 536 13.38 -0.29 -11.67
CA LYS B 536 13.77 0.81 -10.80
C LYS B 536 14.76 0.39 -9.71
N TYR B 537 14.60 -0.80 -9.15
CA TYR B 537 15.46 -1.19 -8.03
C TYR B 537 16.41 -2.35 -8.36
N SER B 538 16.14 -3.07 -9.45
CA SER B 538 17.00 -4.17 -9.88
C SER B 538 18.47 -3.78 -9.84
N PRO B 539 19.22 -4.36 -8.90
CA PRO B 539 20.62 -3.98 -8.67
C PRO B 539 21.53 -4.23 -9.89
N TYR B 540 21.24 -5.28 -10.65
CA TYR B 540 22.06 -5.61 -11.82
C TYR B 540 21.95 -4.51 -12.89
N HIS B 541 20.85 -3.76 -12.86
CA HIS B 541 20.57 -2.73 -13.85
C HIS B 541 20.93 -1.35 -13.33
N ASN B 542 21.29 -1.28 -12.05
CA ASN B 542 21.47 0.01 -11.39
C ASN B 542 22.79 0.18 -10.65
N VAL B 543 23.87 -0.40 -11.20
CA VAL B 543 25.18 -0.10 -10.66
C VAL B 543 25.63 1.26 -11.16
N ASP B 544 25.84 2.19 -10.24
CA ASP B 544 26.29 3.53 -10.58
C ASP B 544 27.80 3.64 -10.42
N PRO B 545 28.52 3.94 -11.52
CA PRO B 545 29.97 3.98 -11.51
C PRO B 545 30.53 5.17 -10.73
N LYS B 546 29.76 6.24 -10.61
CA LYS B 546 30.21 7.44 -9.92
C LYS B 546 30.24 7.26 -8.39
N LYS B 547 29.46 6.29 -7.90
CA LYS B 547 29.44 6.01 -6.47
C LYS B 547 30.67 5.23 -6.04
N LYS B 548 30.95 5.23 -4.74
CA LYS B 548 32.06 4.46 -4.22
C LYS B 548 31.54 3.35 -3.33
N TYR B 549 31.97 2.13 -3.63
CA TYR B 549 31.42 0.95 -2.97
C TYR B 549 32.36 0.41 -1.90
N PRO B 550 31.78 0.00 -0.77
CA PRO B 550 32.59 -0.67 0.26
C PRO B 550 33.01 -2.04 -0.23
N PRO B 551 34.05 -2.64 0.39
CA PRO B 551 34.40 -4.04 0.12
C PRO B 551 33.17 -4.94 0.12
N THR B 552 33.07 -5.81 -0.88
CA THR B 552 31.85 -6.59 -1.12
C THR B 552 32.16 -8.04 -1.46
N LEU B 553 31.57 -8.96 -0.72
CA LEU B 553 31.70 -10.38 -1.06
C LEU B 553 30.41 -10.95 -1.59
N ILE B 554 30.46 -11.43 -2.82
CA ILE B 554 29.38 -12.20 -3.40
C ILE B 554 29.75 -13.67 -3.34
N TYR B 555 28.88 -14.51 -2.77
CA TYR B 555 29.17 -15.94 -2.72
C TYR B 555 27.97 -16.78 -3.09
N THR B 556 28.24 -17.88 -3.79
CA THR B 556 27.19 -18.78 -4.26
C THR B 556 27.75 -20.18 -4.45
N GLY B 557 26.92 -21.07 -4.98
CA GLY B 557 27.31 -22.46 -5.18
C GLY B 557 27.13 -22.87 -6.63
N LEU B 558 28.13 -23.55 -7.17
CA LEU B 558 28.14 -23.90 -8.59
C LEU B 558 27.02 -24.87 -8.96
N HIS B 559 26.69 -25.79 -8.06
CA HIS B 559 25.67 -26.79 -8.35
C HIS B 559 24.36 -26.52 -7.60
N ASP B 560 24.25 -25.31 -7.06
CA ASP B 560 23.00 -24.88 -6.45
C ASP B 560 21.94 -24.86 -7.54
N ASP B 561 20.88 -25.64 -7.36
CA ASP B 561 19.91 -25.83 -8.42
C ASP B 561 18.63 -25.03 -8.19
N ARG B 562 18.59 -24.25 -7.11
CA ARG B 562 17.42 -23.43 -6.83
C ARG B 562 17.63 -21.95 -7.17
N VAL B 563 18.74 -21.38 -6.70
CA VAL B 563 19.09 -20.02 -7.09
C VAL B 563 20.24 -20.05 -8.07
N HIS B 564 19.93 -19.81 -9.33
CA HIS B 564 20.92 -19.83 -10.40
C HIS B 564 22.04 -18.85 -10.09
N PRO B 565 23.29 -19.37 -10.04
CA PRO B 565 24.50 -18.62 -9.69
C PRO B 565 24.78 -17.46 -10.66
N ALA B 566 24.15 -17.49 -11.83
CA ALA B 566 24.31 -16.43 -12.83
C ALA B 566 24.01 -15.04 -12.28
N HIS B 567 23.07 -14.95 -11.33
CA HIS B 567 22.80 -13.68 -10.66
C HIS B 567 24.08 -13.19 -10.02
N ALA B 568 24.68 -14.05 -9.22
CA ALA B 568 25.92 -13.74 -8.52
C ALA B 568 27.05 -13.36 -9.48
N LEU B 569 27.25 -14.18 -10.51
CA LEU B 569 28.32 -13.96 -11.47
C LEU B 569 28.16 -12.64 -12.24
N LYS B 570 26.99 -12.43 -12.83
CA LYS B 570 26.77 -11.23 -13.64
C LYS B 570 26.83 -9.96 -12.79
N PHE B 571 26.43 -10.05 -11.52
CA PHE B 571 26.48 -8.86 -10.67
C PHE B 571 27.92 -8.54 -10.30
N PHE B 572 28.68 -9.60 -10.01
CA PHE B 572 30.11 -9.44 -9.72
C PHE B 572 30.86 -8.75 -10.85
N MET B 573 30.61 -9.17 -12.08
CA MET B 573 31.26 -8.60 -13.25
C MET B 573 30.96 -7.10 -13.39
N LYS B 574 29.72 -6.71 -13.13
CA LYS B 574 29.33 -5.30 -13.16
C LYS B 574 30.12 -4.43 -12.18
N LEU B 575 30.32 -4.96 -10.98
CA LEU B 575 31.10 -4.26 -9.96
C LEU B 575 32.59 -4.27 -10.31
N LYS B 576 33.05 -5.39 -10.84
CA LYS B 576 34.45 -5.54 -11.19
C LYS B 576 34.88 -4.59 -12.30
N GLU B 577 34.03 -4.44 -13.31
CA GLU B 577 34.36 -3.63 -14.47
C GLU B 577 34.45 -2.14 -14.13
N ILE B 578 33.76 -1.71 -13.08
CA ILE B 578 33.85 -0.32 -12.65
C ILE B 578 34.90 -0.15 -11.53
N GLY B 579 35.66 -1.20 -11.27
CA GLY B 579 36.77 -1.14 -10.33
C GLY B 579 36.39 -1.13 -8.87
N ALA B 580 35.26 -1.75 -8.55
CA ALA B 580 34.82 -1.86 -7.15
C ALA B 580 35.63 -2.93 -6.44
N PRO B 581 35.91 -2.72 -5.15
CA PRO B 581 36.61 -3.74 -4.35
C PRO B 581 35.72 -4.95 -4.08
N VAL B 582 35.43 -5.73 -5.12
CA VAL B 582 34.45 -6.82 -5.00
C VAL B 582 35.12 -8.20 -5.14
N TYR B 583 34.63 -9.15 -4.35
CA TYR B 583 35.17 -10.49 -4.34
C TYR B 583 34.09 -11.52 -4.68
N LEU B 584 34.52 -12.62 -5.29
CA LEU B 584 33.62 -13.67 -5.69
C LEU B 584 34.08 -14.99 -5.10
N ARG B 585 33.20 -15.62 -4.32
CA ARG B 585 33.47 -16.95 -3.78
C ARG B 585 32.43 -17.93 -4.28
N VAL B 586 32.88 -18.92 -5.04
CA VAL B 586 31.98 -19.91 -5.57
C VAL B 586 32.36 -21.29 -5.10
N GLU B 587 31.44 -21.88 -4.34
CA GLU B 587 31.53 -23.25 -3.92
C GLU B 587 31.43 -24.15 -5.12
N THR B 588 32.33 -25.12 -5.19
CA THR B 588 32.40 -26.00 -6.36
C THR B 588 32.14 -27.45 -6.00
N LYS B 589 32.10 -27.74 -4.72
CA LYS B 589 31.92 -29.08 -4.22
C LYS B 589 30.61 -29.71 -4.63
N SER B 590 30.70 -30.89 -5.21
CA SER B 590 29.55 -31.66 -5.67
C SER B 590 28.58 -32.06 -4.57
N GLY B 591 27.46 -32.61 -4.99
CA GLY B 591 26.45 -33.08 -4.07
C GLY B 591 25.94 -31.98 -3.19
N HIS B 592 25.18 -32.36 -2.17
CA HIS B 592 24.61 -31.41 -1.23
C HIS B 592 25.62 -30.93 -0.21
N MET B 593 25.30 -29.81 0.43
CA MET B 593 26.14 -29.23 1.43
C MET B 593 25.74 -29.84 2.74
N GLY B 594 24.50 -30.28 2.83
CA GLY B 594 24.05 -30.87 4.06
C GLY B 594 24.88 -32.09 4.37
N ALA B 595 25.43 -32.72 3.34
CA ALA B 595 26.21 -33.92 3.59
C ALA B 595 27.57 -33.57 4.23
N SER B 596 28.22 -32.53 3.72
CA SER B 596 29.54 -32.12 4.22
C SER B 596 29.48 -30.90 5.15
N PRO B 597 29.48 -31.14 6.47
CA PRO B 597 29.45 -30.07 7.47
C PRO B 597 30.75 -29.28 7.48
N GLU B 598 31.85 -29.95 7.16
CA GLU B 598 33.18 -29.34 7.13
C GLU B 598 33.26 -28.26 6.05
N THR B 599 32.67 -28.56 4.89
CA THR B 599 32.69 -27.61 3.78
C THR B 599 31.81 -26.41 4.11
N ARG B 600 30.61 -26.68 4.63
CA ARG B 600 29.69 -25.63 5.06
C ARG B 600 30.35 -24.74 6.12
N ALA B 601 31.00 -25.36 7.08
CA ALA B 601 31.68 -24.65 8.15
C ALA B 601 32.76 -23.74 7.58
N ARG B 602 33.49 -24.27 6.62
CA ARG B 602 34.56 -23.52 5.96
C ARG B 602 34.00 -22.28 5.28
N GLU B 603 32.84 -22.44 4.65
CA GLU B 603 32.18 -21.34 3.98
C GLU B 603 31.77 -20.26 4.98
N LEU B 604 31.23 -20.69 6.13
CA LEU B 604 30.81 -19.73 7.15
C LEU B 604 32.03 -19.03 7.79
N THR B 605 33.15 -19.73 7.85
CA THR B 605 34.37 -19.15 8.41
C THR B 605 34.94 -18.04 7.52
N ASP B 606 34.88 -18.26 6.21
CA ASP B 606 35.32 -17.25 5.25
C ASP B 606 34.48 -16.00 5.32
N LEU B 607 33.19 -16.16 5.61
CA LEU B 607 32.30 -15.01 5.77
C LEU B 607 32.76 -14.21 6.96
N LEU B 608 32.93 -14.89 8.09
CA LEU B 608 33.41 -14.28 9.33
C LEU B 608 34.76 -13.58 9.12
N ALA B 609 35.66 -14.26 8.41
CA ALA B 609 36.98 -13.73 8.13
C ALA B 609 36.87 -12.47 7.27
N PHE B 610 35.94 -12.49 6.32
CA PHE B 610 35.69 -11.32 5.48
C PHE B 610 35.20 -10.14 6.32
N VAL B 611 34.25 -10.40 7.22
CA VAL B 611 33.68 -9.35 8.06
C VAL B 611 34.75 -8.71 8.93
N LEU B 612 35.49 -9.54 9.67
CA LEU B 612 36.52 -9.07 10.59
C LEU B 612 37.58 -8.25 9.87
N LYS B 613 38.02 -8.75 8.72
CA LYS B 613 39.11 -8.13 7.99
C LYS B 613 38.72 -6.76 7.43
N THR B 614 37.48 -6.64 6.95
CA THR B 614 37.08 -5.41 6.28
C THR B 614 36.47 -4.38 7.24
N LEU B 615 36.11 -4.79 8.44
CA LEU B 615 35.56 -3.85 9.41
C LEU B 615 36.66 -3.24 10.28
N SER B 616 37.91 -3.63 10.03
CA SER B 616 39.05 -3.02 10.69
C SER B 616 40.31 -3.18 9.83
CL CL C . -5.01 29.80 -2.05
CL CL D . -11.39 18.48 1.09
CL CL E . -9.16 32.79 0.62
CL CL F . 24.91 -18.48 4.30
CL CL G . 13.71 -17.51 -2.13
CL CL H . 25.33 -23.15 1.70
#